data_5YVD
#
_entry.id   5YVD
#
_cell.length_a   145.643
_cell.length_b   145.643
_cell.length_c   96.653
_cell.angle_alpha   90.00
_cell.angle_beta   90.00
_cell.angle_gamma   120.00
#
_symmetry.space_group_name_H-M   'H 3'
#
loop_
_entity.id
_entity.type
_entity.pdbx_description
1 polymer Nsp15
2 non-polymer GLYCEROL
3 water water
#
_entity_poly.entity_id   1
_entity_poly.type   'polypeptide(L)'
_entity_poly.pdbx_seq_one_letter_code
;GLENIAFNVVKQGHFIGVEGELPVAVVNDKIFTKSGVNDICMFENKTTLPTNIAFELYAKRAVRSHPDFKLLHNLQADIC
YKFVLWDYERSNIYGTATIGVCKYTDIDVNSALNICFDIRDNCSLEKFMSTPNAIFISDRKIKKYPCMVGPDYAYFNGAI
IRDSDVVKQPVKFYLYKKVNNEFIDPTECIYTQSRSCSDFLPLSDMEKDFLSFDSDVFIKKYGLENYAFEHVVYGDFSHT
TLGGLHLLIGLYKRQQEGHIIMEEMLKGSSTIHNYFITETNTAAFKAVCSVIDLKLDDFVMILKSQDLGVVSKVVKVPID
LTMIEFMLWCKDGQVQTFYPRLQ
;
_entity_poly.pdbx_strand_id   A,B
#
# COMPACT_ATOMS: atom_id res chain seq x y z
N GLY A 1 12.09 -19.69 35.24
CA GLY A 1 13.06 -19.00 36.15
C GLY A 1 14.54 -19.22 35.80
N LEU A 2 15.32 -18.20 36.16
CA LEU A 2 16.74 -18.17 35.87
C LEU A 2 17.49 -19.49 35.97
N GLU A 3 17.48 -20.12 37.14
CA GLU A 3 18.29 -21.35 37.28
C GLU A 3 17.74 -22.52 36.49
N ASN A 4 16.46 -22.46 36.18
CA ASN A 4 15.82 -23.47 35.36
C ASN A 4 16.20 -23.31 33.90
N ILE A 5 16.30 -22.06 33.49
CA ILE A 5 16.75 -21.74 32.15
C ILE A 5 18.18 -22.21 31.98
N ALA A 6 19.03 -21.91 32.95
CA ALA A 6 20.39 -22.41 32.96
C ALA A 6 20.43 -23.92 32.81
N PHE A 7 19.46 -24.60 33.40
CA PHE A 7 19.46 -26.06 33.39
C PHE A 7 19.13 -26.57 31.99
N ASN A 8 18.10 -26.01 31.38
CA ASN A 8 17.75 -26.34 30.00
C ASN A 8 18.94 -26.08 29.05
N VAL A 9 19.58 -24.93 29.18
CA VAL A 9 20.68 -24.58 28.28
C VAL A 9 21.83 -25.59 28.37
N VAL A 10 22.12 -26.04 29.58
CA VAL A 10 23.25 -26.90 29.80
C VAL A 10 22.92 -28.32 29.41
N LYS A 11 21.71 -28.75 29.79
CA LYS A 11 21.34 -30.16 29.67
C LYS A 11 20.70 -30.44 28.34
N GLN A 12 20.07 -29.43 27.77
CA GLN A 12 19.21 -29.65 26.63
C GLN A 12 19.62 -28.77 25.43
N GLY A 13 20.64 -27.94 25.62
CA GLY A 13 21.17 -27.11 24.56
C GLY A 13 20.47 -25.77 24.43
N HIS A 14 19.19 -25.70 24.77
CA HIS A 14 18.43 -24.46 24.73
C HIS A 14 17.17 -24.60 25.61
N PHE A 15 16.27 -23.65 25.58
CA PHE A 15 15.09 -23.80 26.42
C PHE A 15 14.00 -24.69 25.79
N ILE A 16 13.65 -25.79 26.44
CA ILE A 16 12.52 -26.59 25.97
C ILE A 16 11.47 -26.91 27.04
N GLY A 17 11.54 -26.23 28.20
CA GLY A 17 10.54 -26.40 29.27
C GLY A 17 10.76 -27.58 30.22
N VAL A 18 11.89 -28.25 30.13
CA VAL A 18 12.21 -29.34 31.05
C VAL A 18 12.46 -28.78 32.45
N GLU A 19 12.18 -29.59 33.49
CA GLU A 19 12.37 -29.18 34.87
C GLU A 19 13.78 -29.44 35.34
N GLY A 20 14.27 -28.56 36.23
CA GLY A 20 15.61 -28.68 36.81
C GLY A 20 16.19 -27.34 37.17
N GLU A 21 17.19 -27.32 38.06
CA GLU A 21 17.85 -26.08 38.51
C GLU A 21 19.36 -26.21 38.46
N LEU A 22 20.05 -25.13 38.10
CA LEU A 22 21.50 -25.05 38.31
C LEU A 22 21.83 -23.79 39.09
N PRO A 23 22.91 -23.80 39.89
CA PRO A 23 23.25 -22.52 40.53
C PRO A 23 23.83 -21.55 39.51
N VAL A 24 23.45 -20.28 39.60
CA VAL A 24 23.81 -19.24 38.63
C VAL A 24 24.30 -17.98 39.36
N ALA A 25 25.39 -17.39 38.90
CA ALA A 25 25.75 -15.99 39.24
C ALA A 25 25.54 -15.05 38.06
N VAL A 26 25.01 -13.87 38.32
CA VAL A 26 24.95 -12.79 37.31
C VAL A 26 25.96 -11.70 37.64
N VAL A 27 27.02 -11.61 36.86
CA VAL A 27 28.11 -10.75 37.20
C VAL A 27 28.31 -9.79 36.05
N ASN A 28 27.77 -8.59 36.23
CA ASN A 28 27.83 -7.50 35.27
C ASN A 28 27.18 -8.00 33.97
N ASP A 29 27.97 -8.07 32.91
CA ASP A 29 27.48 -8.52 31.62
C ASP A 29 27.50 -10.05 31.44
N LYS A 30 27.90 -10.81 32.46
CA LYS A 30 28.09 -12.26 32.28
C LYS A 30 27.20 -13.17 33.15
N ILE A 31 27.05 -14.41 32.68
CA ILE A 31 26.38 -15.46 33.44
C ILE A 31 27.36 -16.63 33.70
N PHE A 32 27.48 -17.02 34.98
CA PHE A 32 28.30 -18.17 35.34
C PHE A 32 27.49 -19.24 36.02
N THR A 33 27.93 -20.49 35.94
CA THR A 33 27.27 -21.57 36.68
C THR A 33 28.33 -22.43 37.38
N LYS A 34 28.02 -22.90 38.58
CA LYS A 34 28.90 -23.85 39.27
C LYS A 34 28.84 -25.16 38.53
N SER A 35 29.99 -25.71 38.19
CA SER A 35 30.07 -27.04 37.60
C SER A 35 31.30 -27.71 38.17
N GLY A 36 31.07 -28.74 38.97
CA GLY A 36 32.14 -29.32 39.76
C GLY A 36 32.68 -28.22 40.62
N VAL A 37 33.99 -28.09 40.67
CA VAL A 37 34.62 -27.10 41.51
C VAL A 37 34.86 -25.74 40.79
N ASN A 38 34.34 -25.57 39.58
CA ASN A 38 34.60 -24.36 38.78
C ASN A 38 33.38 -23.49 38.52
N ASP A 39 33.61 -22.20 38.28
CA ASP A 39 32.61 -21.31 37.76
C ASP A 39 32.85 -21.10 36.29
N ILE A 40 31.93 -21.62 35.47
CA ILE A 40 31.97 -21.51 34.01
C ILE A 40 31.03 -20.45 33.45
N CYS A 41 31.59 -19.60 32.60
CA CYS A 41 30.83 -18.61 31.86
C CYS A 41 29.94 -19.23 30.81
N MET A 42 28.63 -18.96 30.89
CA MET A 42 27.65 -19.46 29.93
C MET A 42 27.09 -18.38 28.99
N PHE A 43 27.41 -17.11 29.20
CA PHE A 43 26.79 -16.09 28.38
C PHE A 43 27.48 -14.73 28.52
N GLU A 44 27.51 -13.98 27.42
CA GLU A 44 28.16 -12.67 27.35
C GLU A 44 27.15 -11.68 26.73
N ASN A 45 26.57 -10.87 27.60
CA ASN A 45 25.56 -9.93 27.20
C ASN A 45 26.13 -8.90 26.27
N LYS A 46 25.61 -8.82 25.05
CA LYS A 46 25.92 -7.70 24.15
C LYS A 46 24.69 -6.85 23.84
N THR A 47 23.72 -6.91 24.72
CA THR A 47 22.40 -6.32 24.53
C THR A 47 22.31 -5.06 25.35
N THR A 48 21.25 -4.27 25.14
CA THR A 48 20.93 -3.18 26.06
C THR A 48 20.00 -3.64 27.15
N LEU A 49 19.80 -4.95 27.26
CA LEU A 49 18.89 -5.52 28.24
C LEU A 49 19.64 -6.10 29.46
N PRO A 50 18.96 -6.22 30.61
CA PRO A 50 19.57 -6.78 31.77
C PRO A 50 20.11 -8.17 31.44
N THR A 51 21.35 -8.40 31.83
CA THR A 51 22.02 -9.61 31.51
C THR A 51 21.17 -10.86 31.67
N ASN A 52 20.42 -10.97 32.77
CA ASN A 52 19.68 -12.22 33.03
C ASN A 52 18.53 -12.43 32.03
N ILE A 53 18.04 -11.33 31.45
CA ILE A 53 16.93 -11.35 30.53
C ILE A 53 17.45 -11.67 29.14
N ALA A 54 18.56 -11.03 28.79
CA ALA A 54 19.18 -11.23 27.50
C ALA A 54 19.53 -12.69 27.33
N PHE A 55 20.00 -13.30 28.41
CA PHE A 55 20.30 -14.71 28.47
C PHE A 55 19.09 -15.57 28.28
N GLU A 56 17.94 -15.13 28.80
CA GLU A 56 16.69 -15.91 28.69
C GLU A 56 16.19 -15.89 27.24
N LEU A 57 16.23 -14.72 26.62
CA LEU A 57 15.77 -14.58 25.25
C LEU A 57 16.65 -15.36 24.33
N TYR A 58 17.96 -15.27 24.57
CA TYR A 58 18.90 -16.20 23.95
C TYR A 58 18.45 -17.67 24.08
N ALA A 59 18.23 -18.13 25.30
CA ALA A 59 17.86 -19.54 25.48
C ALA A 59 16.53 -19.89 24.84
N LYS A 60 15.65 -18.92 24.72
CA LYS A 60 14.36 -19.15 24.15
C LYS A 60 14.36 -18.90 22.67
N ARG A 61 15.49 -18.53 22.11
CA ARG A 61 15.61 -18.30 20.69
C ARG A 61 14.90 -19.36 19.93
N ALA A 62 14.30 -19.01 18.81
CA ALA A 62 13.62 -19.98 17.99
C ALA A 62 14.55 -20.74 17.08
N VAL A 63 14.63 -22.04 17.27
CA VAL A 63 15.57 -22.85 16.54
C VAL A 63 14.97 -23.43 15.27
N ARG A 64 14.85 -22.57 14.27
CA ARG A 64 14.21 -22.92 13.00
C ARG A 64 14.69 -21.95 11.97
N SER A 65 14.54 -22.26 10.71
CA SER A 65 14.92 -21.31 9.65
C SER A 65 13.91 -20.17 9.57
N HIS A 66 14.35 -19.05 9.02
CA HIS A 66 13.43 -17.95 8.80
C HIS A 66 14.00 -17.03 7.75
N PRO A 67 13.15 -16.20 7.12
CA PRO A 67 13.63 -15.17 6.20
C PRO A 67 14.66 -14.29 6.85
N ASP A 68 15.61 -13.81 6.08
CA ASP A 68 16.72 -13.06 6.67
C ASP A 68 16.22 -11.73 7.23
N PHE A 69 16.85 -11.26 8.29
CA PHE A 69 16.34 -10.12 9.03
C PHE A 69 15.99 -8.90 8.19
N LYS A 70 16.83 -8.59 7.21
CA LYS A 70 16.62 -7.41 6.37
C LYS A 70 15.26 -7.44 5.67
N LEU A 71 14.73 -8.63 5.40
CA LEU A 71 13.40 -8.71 4.83
C LEU A 71 12.35 -8.32 5.90
N LEU A 72 12.54 -8.80 7.11
CA LEU A 72 11.61 -8.47 8.17
C LEU A 72 11.62 -6.98 8.37
N HIS A 73 12.81 -6.41 8.49
CA HIS A 73 12.98 -4.95 8.62
C HIS A 73 12.35 -4.15 7.49
N ASN A 74 12.49 -4.64 6.26
CA ASN A 74 11.94 -3.93 5.11
C ASN A 74 10.40 -4.06 4.98
N LEU A 75 9.81 -5.15 5.51
CA LEU A 75 8.36 -5.25 5.65
C LEU A 75 7.86 -4.53 6.89
N GLN A 76 8.78 -3.88 7.59
CA GLN A 76 8.52 -3.17 8.84
C GLN A 76 7.90 -4.04 9.93
N ALA A 77 8.51 -5.20 10.16
CA ALA A 77 8.11 -6.05 11.27
C ALA A 77 8.68 -5.49 12.57
N ASP A 78 7.80 -5.08 13.48
CA ASP A 78 8.20 -4.48 14.75
C ASP A 78 8.49 -5.53 15.85
N ILE A 79 7.77 -6.64 15.86
CA ILE A 79 7.85 -7.62 16.96
C ILE A 79 7.34 -9.01 16.51
N CYS A 80 7.71 -10.07 17.21
CA CYS A 80 7.26 -11.40 16.80
C CYS A 80 6.20 -11.95 17.79
N TYR A 81 5.33 -12.83 17.30
CA TYR A 81 4.24 -13.39 18.10
C TYR A 81 4.55 -14.76 18.63
N LYS A 82 4.86 -14.81 19.92
CA LYS A 82 5.04 -16.05 20.65
C LYS A 82 6.33 -16.75 20.27
N PHE A 83 7.22 -16.01 19.64
CA PHE A 83 8.57 -16.49 19.44
C PHE A 83 9.51 -15.30 19.40
N VAL A 84 10.80 -15.59 19.39
CA VAL A 84 11.81 -14.57 19.41
C VAL A 84 12.93 -15.05 18.51
N LEU A 85 13.56 -14.12 17.82
CA LEU A 85 14.53 -14.45 16.79
C LEU A 85 15.89 -13.93 17.20
N TRP A 86 16.87 -14.83 17.29
CA TRP A 86 18.25 -14.46 17.64
C TRP A 86 19.05 -14.10 16.40
N ASP A 87 19.71 -12.95 16.47
CA ASP A 87 20.70 -12.54 15.46
C ASP A 87 22.15 -12.83 15.96
N TYR A 88 22.80 -13.79 15.31
CA TYR A 88 24.04 -14.33 15.84
C TYR A 88 25.23 -13.41 15.55
N GLU A 89 25.18 -12.66 14.48
CA GLU A 89 26.25 -11.73 14.22
C GLU A 89 26.20 -10.68 15.32
N ARG A 90 25.02 -10.12 15.61
CA ARG A 90 24.94 -9.04 16.62
C ARG A 90 24.94 -9.58 18.03
N SER A 91 24.56 -10.84 18.20
CA SER A 91 24.36 -11.41 19.55
C SER A 91 23.31 -10.61 20.31
N ASN A 92 22.21 -10.40 19.62
CA ASN A 92 21.07 -9.68 20.13
C ASN A 92 19.86 -10.29 19.47
N ILE A 93 18.71 -9.74 19.82
CA ILE A 93 17.44 -10.20 19.32
C ILE A 93 16.96 -9.23 18.23
N TYR A 94 16.02 -9.68 17.41
CA TYR A 94 15.43 -8.77 16.44
C TYR A 94 14.39 -7.98 17.22
N GLY A 95 14.58 -6.66 17.29
CA GLY A 95 13.70 -5.78 18.05
C GLY A 95 14.11 -5.77 19.50
N THR A 96 13.22 -5.31 20.38
CA THR A 96 13.51 -5.07 21.79
C THR A 96 12.42 -5.54 22.73
N ALA A 97 11.16 -5.51 22.30
CA ALA A 97 10.08 -6.08 23.08
C ALA A 97 9.76 -7.45 22.53
N THR A 98 8.95 -8.18 23.27
CA THR A 98 8.61 -9.55 22.95
C THR A 98 7.10 -9.81 23.26
N ILE A 99 6.56 -10.91 22.75
CA ILE A 99 5.16 -11.27 22.99
C ILE A 99 5.03 -12.76 23.30
N GLY A 100 4.58 -13.06 24.50
CA GLY A 100 4.37 -14.41 24.94
C GLY A 100 5.64 -15.20 24.95
N VAL A 101 6.73 -14.59 25.39
CA VAL A 101 8.01 -15.31 25.48
C VAL A 101 8.72 -15.15 26.85
N CYS A 102 8.80 -13.93 27.36
CA CYS A 102 9.50 -13.64 28.62
C CYS A 102 8.68 -12.56 29.34
N LYS A 103 8.33 -12.82 30.60
CA LYS A 103 7.38 -11.93 31.33
C LYS A 103 7.86 -10.49 31.45
N TYR A 104 9.16 -10.33 31.58
CA TYR A 104 9.74 -9.02 31.80
C TYR A 104 9.66 -8.17 30.54
N THR A 105 9.79 -8.77 29.36
CA THR A 105 9.80 -8.00 28.11
C THR A 105 8.53 -8.09 27.25
N ASP A 106 7.59 -8.97 27.65
CA ASP A 106 6.27 -9.13 27.00
C ASP A 106 5.46 -7.86 27.10
N ILE A 107 5.03 -7.37 25.95
CA ILE A 107 4.01 -6.33 25.92
C ILE A 107 2.69 -6.98 25.52
N ASP A 108 1.59 -6.31 25.80
CA ASP A 108 0.29 -6.84 25.42
C ASP A 108 0.19 -6.90 23.90
N VAL A 109 -0.34 -8.00 23.39
CA VAL A 109 -0.55 -8.19 21.96
C VAL A 109 -1.23 -6.98 21.31
N ASN A 110 -2.30 -6.50 21.95
CA ASN A 110 -3.04 -5.38 21.44
C ASN A 110 -2.13 -4.14 21.36
N SER A 111 -2.02 -3.63 20.14
CA SER A 111 -1.44 -2.32 19.83
C SER A 111 -1.43 -2.28 18.30
N ALA A 112 -1.15 -1.12 17.72
CA ALA A 112 -1.17 -0.99 16.26
C ALA A 112 0.25 -1.00 15.66
N LEU A 113 1.06 -2.00 16.03
CA LEU A 113 2.35 -2.28 15.39
C LEU A 113 2.18 -3.40 14.38
N ASN A 114 3.22 -3.68 13.60
CA ASN A 114 3.20 -4.85 12.69
C ASN A 114 3.75 -6.10 13.40
N ILE A 115 2.85 -6.97 13.82
CA ILE A 115 3.22 -8.22 14.45
C ILE A 115 3.44 -9.31 13.41
N CYS A 116 4.59 -9.98 13.54
CA CYS A 116 4.99 -11.01 12.62
C CYS A 116 4.64 -12.37 13.19
N PHE A 117 3.84 -13.14 12.46
CA PHE A 117 3.35 -14.44 12.93
C PHE A 117 3.94 -15.53 12.06
N ASP A 118 3.99 -16.76 12.58
CA ASP A 118 4.60 -17.89 11.84
C ASP A 118 3.70 -19.12 11.82
N ILE A 119 3.62 -19.78 10.65
CA ILE A 119 2.82 -20.98 10.50
C ILE A 119 3.25 -22.10 11.45
N ARG A 120 4.53 -22.16 11.82
CA ARG A 120 5.00 -23.27 12.66
C ARG A 120 4.52 -23.19 14.12
N ASP A 121 3.95 -22.05 14.52
CA ASP A 121 3.33 -21.92 15.83
C ASP A 121 1.83 -22.20 15.71
N ASN A 122 1.37 -23.20 16.45
CA ASN A 122 -0.03 -23.57 16.47
C ASN A 122 -0.90 -22.31 16.67
N CYS A 123 -1.89 -22.16 15.80
CA CYS A 123 -2.90 -21.09 15.87
C CYS A 123 -2.45 -19.69 15.48
N SER A 124 -1.21 -19.52 15.03
CA SER A 124 -0.74 -18.19 14.59
C SER A 124 -1.37 -17.71 13.28
N LEU A 125 -1.59 -18.63 12.35
CA LEU A 125 -2.30 -18.28 11.13
C LEU A 125 -3.62 -17.56 11.46
N GLU A 126 -4.51 -18.26 12.16
CA GLU A 126 -5.84 -17.72 12.51
C GLU A 126 -5.73 -16.41 13.28
N LYS A 127 -4.73 -16.32 14.15
CA LYS A 127 -4.49 -15.06 14.87
C LYS A 127 -4.09 -13.95 13.87
N PHE A 128 -3.15 -14.28 12.99
CA PHE A 128 -2.78 -13.35 11.93
C PHE A 128 -4.01 -12.94 11.13
N MET A 129 -4.95 -13.87 10.93
CA MET A 129 -6.17 -13.58 10.13
C MET A 129 -7.11 -12.64 10.82
N SER A 130 -7.09 -12.60 12.15
CA SER A 130 -7.92 -11.65 12.91
C SER A 130 -7.13 -10.47 13.48
N THR A 131 -6.08 -10.05 12.79
CA THR A 131 -5.24 -8.95 13.24
C THR A 131 -5.08 -7.99 12.05
N PRO A 132 -5.43 -6.71 12.20
CA PRO A 132 -5.40 -5.78 11.07
C PRO A 132 -4.02 -5.49 10.44
N ASN A 133 -3.01 -5.19 11.26
CA ASN A 133 -1.71 -4.77 10.76
C ASN A 133 -0.70 -5.81 11.15
N ALA A 134 -0.26 -6.62 10.18
CA ALA A 134 0.60 -7.78 10.49
C ALA A 134 1.33 -8.38 9.29
N ILE A 135 2.28 -9.25 9.61
CA ILE A 135 3.10 -9.98 8.64
C ILE A 135 2.97 -11.48 8.95
N PHE A 136 2.86 -12.30 7.90
CA PHE A 136 2.79 -13.74 8.11
C PHE A 136 3.88 -14.44 7.33
N ILE A 137 4.54 -15.39 8.00
CA ILE A 137 5.57 -16.18 7.36
C ILE A 137 5.15 -17.64 7.36
N SER A 138 5.31 -18.30 6.21
CA SER A 138 4.97 -19.71 6.08
C SER A 138 5.77 -20.46 5.05
N ASP A 139 5.82 -21.76 5.25
CA ASP A 139 6.56 -22.67 4.40
C ASP A 139 5.74 -23.08 3.18
N ARG A 140 4.45 -22.71 3.17
CA ARG A 140 3.53 -23.10 2.11
C ARG A 140 2.54 -21.97 1.73
N LYS A 141 2.29 -21.83 0.43
CA LYS A 141 1.20 -20.97 -0.07
C LYS A 141 -0.05 -21.16 0.77
N ILE A 142 -0.70 -20.06 1.14
CA ILE A 142 -1.97 -20.16 1.85
C ILE A 142 -3.08 -19.73 0.93
N LYS A 143 -3.90 -20.72 0.55
CA LYS A 143 -4.98 -20.54 -0.39
C LYS A 143 -4.43 -19.69 -1.53
N LYS A 144 -5.01 -18.54 -1.80
CA LYS A 144 -4.58 -17.80 -2.95
C LYS A 144 -4.37 -16.33 -2.64
N TYR A 145 -4.20 -16.00 -1.36
CA TYR A 145 -4.03 -14.61 -0.97
C TYR A 145 -2.79 -14.02 -1.69
N PRO A 146 -2.72 -12.69 -1.82
CA PRO A 146 -1.56 -12.08 -2.47
C PRO A 146 -0.30 -12.37 -1.67
N CYS A 147 0.75 -12.77 -2.37
CA CYS A 147 1.89 -13.39 -1.70
C CYS A 147 3.21 -12.95 -2.27
N MET A 148 4.08 -12.44 -1.40
CA MET A 148 5.48 -12.25 -1.72
C MET A 148 6.23 -13.59 -1.53
N VAL A 149 6.90 -14.07 -2.57
CA VAL A 149 7.62 -15.32 -2.51
C VAL A 149 9.08 -15.02 -2.29
N GLY A 150 9.60 -15.47 -1.16
CA GLY A 150 10.97 -15.15 -0.78
C GLY A 150 12.03 -15.71 -1.72
N PRO A 151 13.30 -15.40 -1.43
CA PRO A 151 14.44 -15.83 -2.26
C PRO A 151 14.89 -17.27 -2.03
N ASP A 152 15.89 -17.73 -2.77
CA ASP A 152 16.37 -19.13 -2.65
C ASP A 152 17.37 -19.33 -1.51
N TYR A 153 17.16 -18.60 -0.41
CA TYR A 153 17.94 -18.79 0.78
C TYR A 153 17.21 -18.27 2.01
N ALA A 154 17.74 -18.59 3.18
CA ALA A 154 17.14 -18.23 4.46
C ALA A 154 18.19 -18.30 5.57
N TYR A 155 17.83 -17.85 6.76
CA TYR A 155 18.75 -17.81 7.86
C TYR A 155 18.44 -18.97 8.78
N PHE A 156 19.46 -19.67 9.28
CA PHE A 156 19.25 -20.74 10.26
C PHE A 156 20.44 -20.87 11.23
N ASN A 157 20.17 -20.68 12.54
CA ASN A 157 21.20 -20.78 13.58
C ASN A 157 22.51 -19.98 13.28
N GLY A 158 22.40 -18.81 12.68
CA GLY A 158 23.57 -18.03 12.32
C GLY A 158 24.04 -18.14 10.86
N ALA A 159 23.63 -19.19 10.16
CA ALA A 159 24.07 -19.43 8.76
C ALA A 159 23.05 -19.05 7.70
N ILE A 160 23.57 -18.80 6.50
CA ILE A 160 22.72 -18.70 5.31
C ILE A 160 22.66 -20.07 4.72
N ILE A 161 21.46 -20.45 4.35
CA ILE A 161 21.13 -21.80 3.92
C ILE A 161 20.44 -21.67 2.52
N ARG A 162 20.85 -22.49 1.57
CA ARG A 162 20.39 -22.37 0.17
C ARG A 162 19.35 -23.43 -0.16
N ASP A 163 18.34 -23.05 -0.96
CA ASP A 163 17.32 -24.01 -1.40
C ASP A 163 17.91 -25.17 -2.26
N SER A 164 17.33 -26.37 -2.11
CA SER A 164 17.82 -27.62 -2.71
C SER A 164 16.90 -28.80 -2.33
N ASP A 165 17.04 -29.93 -3.01
CA ASP A 165 16.25 -31.13 -2.67
C ASP A 165 16.64 -31.76 -1.31
N VAL A 166 17.84 -31.45 -0.80
CA VAL A 166 18.34 -32.04 0.46
C VAL A 166 18.03 -31.23 1.72
N VAL A 167 17.57 -29.98 1.58
CA VAL A 167 17.38 -29.11 2.76
C VAL A 167 16.22 -29.56 3.69
N LYS A 168 16.47 -29.66 5.00
CA LYS A 168 15.48 -30.23 5.92
C LYS A 168 14.84 -29.21 6.86
N GLN A 169 15.10 -27.94 6.63
CA GLN A 169 14.29 -26.86 7.17
C GLN A 169 13.80 -26.17 5.93
N PRO A 170 12.66 -25.50 6.01
CA PRO A 170 12.21 -24.76 4.85
C PRO A 170 13.14 -23.58 4.51
N VAL A 171 13.26 -23.29 3.23
CA VAL A 171 14.03 -22.16 2.72
C VAL A 171 13.13 -21.20 1.89
N LYS A 172 12.17 -21.78 1.18
CA LYS A 172 11.27 -20.95 0.38
C LYS A 172 10.12 -20.52 1.26
N PHE A 173 10.09 -19.23 1.58
CA PHE A 173 9.03 -18.71 2.45
C PHE A 173 8.03 -17.91 1.64
N TYR A 174 6.77 -18.06 2.02
CA TYR A 174 5.67 -17.33 1.41
C TYR A 174 5.26 -16.36 2.50
N LEU A 175 5.31 -15.10 2.13
CA LEU A 175 5.31 -13.98 3.05
C LEU A 175 4.11 -13.10 2.79
N TYR A 176 3.32 -12.84 3.83
CA TYR A 176 2.10 -12.06 3.67
C TYR A 176 2.16 -10.84 4.53
N LYS A 177 1.54 -9.78 4.06
CA LYS A 177 1.43 -8.57 4.86
C LYS A 177 0.01 -8.06 4.80
N LYS A 178 -0.49 -7.64 5.95
CA LYS A 178 -1.81 -7.01 6.07
C LYS A 178 -1.67 -5.61 6.64
N VAL A 179 -2.46 -4.68 6.08
CA VAL A 179 -2.56 -3.32 6.58
C VAL A 179 -4.02 -2.94 6.54
N ASN A 180 -4.60 -2.61 7.69
CA ASN A 180 -6.04 -2.32 7.83
C ASN A 180 -6.89 -3.55 7.56
N ASN A 181 -6.39 -4.71 7.98
CA ASN A 181 -7.04 -5.99 7.70
C ASN A 181 -7.18 -6.28 6.19
N GLU A 182 -6.27 -5.71 5.41
CA GLU A 182 -6.26 -5.84 3.97
C GLU A 182 -4.85 -6.28 3.51
N PHE A 183 -4.79 -7.38 2.78
CA PHE A 183 -3.52 -7.85 2.22
C PHE A 183 -2.89 -6.86 1.25
N ILE A 184 -1.57 -6.70 1.33
CA ILE A 184 -0.82 -5.94 0.33
C ILE A 184 -0.45 -6.82 -0.88
N ASP A 185 -0.59 -6.25 -2.08
CA ASP A 185 -0.21 -6.91 -3.33
C ASP A 185 1.28 -6.72 -3.67
N PRO A 186 2.06 -7.82 -3.73
CA PRO A 186 3.51 -7.79 -3.95
C PRO A 186 3.93 -7.05 -5.21
N THR A 187 4.98 -6.26 -5.13
CA THR A 187 5.66 -5.77 -6.31
C THR A 187 6.75 -6.79 -6.65
N GLU A 188 6.72 -7.36 -7.86
CA GLU A 188 7.84 -8.21 -8.30
C GLU A 188 9.15 -7.49 -7.98
N CYS A 189 10.18 -8.27 -7.70
CA CYS A 189 11.28 -7.79 -6.90
C CYS A 189 12.55 -8.66 -7.06
N ILE A 190 13.68 -7.98 -7.02
CA ILE A 190 14.99 -8.61 -7.10
C ILE A 190 15.41 -8.88 -5.64
N TYR A 191 16.29 -9.85 -5.40
CA TYR A 191 16.80 -10.05 -4.02
C TYR A 191 18.32 -9.96 -3.88
N THR A 192 18.78 -9.21 -2.89
CA THR A 192 20.19 -9.27 -2.47
C THR A 192 20.42 -10.66 -1.94
N GLN A 193 21.66 -11.08 -1.78
CA GLN A 193 21.95 -12.52 -1.57
C GLN A 193 22.59 -12.87 -0.25
N SER A 194 22.80 -11.89 0.62
CA SER A 194 23.24 -12.14 1.98
C SER A 194 24.60 -12.87 2.07
N ARG A 195 25.51 -12.64 1.14
CA ARG A 195 26.84 -13.24 1.20
C ARG A 195 27.79 -12.30 1.89
N SER A 196 29.01 -12.75 2.13
CA SER A 196 30.00 -11.90 2.75
C SER A 196 31.39 -12.32 2.34
N CYS A 197 32.39 -11.57 2.77
CA CYS A 197 33.77 -11.81 2.33
C CYS A 197 34.39 -13.09 2.85
N SER A 198 33.79 -13.67 3.88
CA SER A 198 34.26 -14.94 4.43
C SER A 198 33.48 -16.10 3.81
N ASP A 199 32.15 -15.95 3.70
CA ASP A 199 31.31 -16.97 3.07
C ASP A 199 30.67 -16.45 1.76
N PHE A 200 31.32 -16.71 0.62
CA PHE A 200 30.85 -16.23 -0.69
C PHE A 200 30.97 -17.31 -1.77
N LEU A 201 29.85 -17.65 -2.39
CA LEU A 201 29.83 -18.64 -3.45
C LEU A 201 29.14 -18.07 -4.66
N PRO A 202 29.76 -18.22 -5.84
CA PRO A 202 29.16 -17.70 -7.05
C PRO A 202 27.87 -18.42 -7.36
N LEU A 203 26.98 -17.76 -8.08
CA LEU A 203 25.64 -18.24 -8.26
C LEU A 203 25.25 -18.38 -9.73
N SER A 204 26.14 -18.00 -10.64
CA SER A 204 25.87 -18.04 -12.08
C SER A 204 27.19 -18.12 -12.85
N ASP A 205 27.11 -18.37 -14.14
CA ASP A 205 28.31 -18.45 -14.96
C ASP A 205 29.06 -17.12 -15.04
N MET A 206 28.29 -16.05 -15.18
CA MET A 206 28.86 -14.71 -15.16
C MET A 206 29.63 -14.49 -13.85
N GLU A 207 29.02 -14.82 -12.71
CA GLU A 207 29.72 -14.61 -11.43
C GLU A 207 31.05 -15.38 -11.37
N LYS A 208 31.07 -16.60 -11.91
CA LYS A 208 32.29 -17.42 -11.89
C LYS A 208 33.40 -16.80 -12.74
N ASP A 209 33.03 -16.37 -13.94
CA ASP A 209 34.00 -15.78 -14.81
C ASP A 209 34.54 -14.53 -14.12
N PHE A 210 33.65 -13.79 -13.48
CA PHE A 210 34.04 -12.55 -12.86
C PHE A 210 35.17 -12.79 -11.86
N LEU A 211 35.04 -13.84 -11.07
CA LEU A 211 36.00 -14.07 -10.00
C LEU A 211 37.34 -14.55 -10.49
N SER A 212 37.37 -15.13 -11.70
CA SER A 212 38.61 -15.70 -12.26
C SER A 212 39.21 -14.91 -13.42
N PHE A 213 38.41 -14.21 -14.21
CA PHE A 213 38.92 -13.54 -15.45
C PHE A 213 39.72 -12.26 -15.21
N ASP A 214 40.74 -12.04 -16.02
CA ASP A 214 41.26 -10.69 -16.21
C ASP A 214 40.11 -9.73 -16.55
N SER A 215 40.16 -8.50 -16.06
CA SER A 215 39.08 -7.55 -16.21
C SER A 215 38.75 -7.20 -17.67
N ASP A 216 39.79 -7.03 -18.49
CA ASP A 216 39.58 -6.69 -19.89
C ASP A 216 38.87 -7.81 -20.70
N VAL A 217 39.18 -9.07 -20.36
CA VAL A 217 38.59 -10.24 -21.02
C VAL A 217 37.09 -10.40 -20.66
N PHE A 218 36.73 -10.00 -19.46
CA PHE A 218 35.38 -10.15 -18.96
C PHE A 218 34.48 -9.04 -19.53
N ILE A 219 34.94 -7.79 -19.39
CA ILE A 219 34.22 -6.65 -19.93
C ILE A 219 33.81 -6.93 -21.38
N LYS A 220 34.76 -7.46 -22.16
CA LYS A 220 34.51 -7.71 -23.58
C LYS A 220 33.65 -8.96 -23.83
N LYS A 221 33.82 -10.01 -23.04
CA LYS A 221 32.96 -11.17 -23.16
C LYS A 221 31.47 -10.87 -22.98
N TYR A 222 31.13 -9.93 -22.08
CA TYR A 222 29.73 -9.66 -21.72
C TYR A 222 29.24 -8.31 -22.26
N GLY A 223 30.05 -7.66 -23.11
CA GLY A 223 29.64 -6.40 -23.76
C GLY A 223 29.51 -5.22 -22.83
N LEU A 224 30.38 -5.13 -21.81
CA LEU A 224 30.25 -4.07 -20.81
C LEU A 224 31.10 -2.82 -21.07
N GLU A 225 31.64 -2.69 -22.25
CA GLU A 225 32.46 -1.54 -22.62
C GLU A 225 31.87 -0.16 -22.23
N ASN A 226 30.55 0.02 -22.28
CA ASN A 226 29.94 1.33 -21.97
C ASN A 226 29.41 1.49 -20.54
N TYR A 227 29.85 0.62 -19.61
CA TYR A 227 29.23 0.52 -18.30
C TYR A 227 30.20 0.70 -17.12
N ALA A 228 31.39 1.22 -17.39
CA ALA A 228 32.35 1.58 -16.37
C ALA A 228 32.63 0.51 -15.33
N PHE A 229 32.60 -0.76 -15.70
CA PHE A 229 32.80 -1.84 -14.73
C PHE A 229 34.10 -1.67 -13.95
N GLU A 230 35.11 -1.11 -14.60
CA GLU A 230 36.40 -0.88 -13.99
C GLU A 230 36.18 -0.07 -12.72
N HIS A 231 35.51 1.07 -12.87
CA HIS A 231 35.20 1.95 -11.73
C HIS A 231 34.17 1.31 -10.77
N VAL A 232 33.04 0.88 -11.32
CA VAL A 232 31.90 0.54 -10.49
C VAL A 232 32.10 -0.79 -9.76
N VAL A 233 32.47 -1.82 -10.49
CA VAL A 233 32.53 -3.16 -9.92
C VAL A 233 33.94 -3.55 -9.46
N TYR A 234 34.91 -3.49 -10.37
CA TYR A 234 36.28 -3.87 -10.02
C TYR A 234 36.85 -2.97 -8.95
N GLY A 235 36.49 -1.69 -9.03
CA GLY A 235 36.99 -0.68 -8.11
C GLY A 235 38.25 -0.05 -8.68
N ASP A 236 38.43 1.24 -8.41
CA ASP A 236 39.62 2.00 -8.76
C ASP A 236 40.36 2.39 -7.48
N PHE A 237 41.60 1.91 -7.35
CA PHE A 237 42.47 2.13 -6.21
C PHE A 237 43.70 2.95 -6.57
N SER A 238 43.64 3.66 -7.71
CA SER A 238 44.74 4.54 -8.17
C SER A 238 44.72 5.96 -7.54
N HIS A 239 43.64 6.33 -6.89
CA HIS A 239 43.46 7.69 -6.37
C HIS A 239 43.40 7.76 -4.86
N THR A 240 43.58 8.97 -4.35
CA THR A 240 43.57 9.23 -2.92
C THR A 240 42.22 8.76 -2.32
N THR A 241 41.13 8.93 -3.05
CA THR A 241 39.87 8.36 -2.56
C THR A 241 39.52 7.19 -3.45
N LEU A 242 39.35 6.04 -2.79
CA LEU A 242 38.93 4.78 -3.39
C LEU A 242 37.68 4.96 -4.30
N GLY A 243 37.82 4.70 -5.61
CA GLY A 243 36.75 4.90 -6.57
C GLY A 243 35.82 3.71 -6.74
N GLY A 244 34.53 3.98 -6.83
CA GLY A 244 33.54 2.94 -7.07
C GLY A 244 33.51 1.82 -6.03
N LEU A 245 33.48 0.60 -6.53
CA LEU A 245 33.41 -0.62 -5.73
C LEU A 245 32.09 -0.71 -4.94
N HIS A 246 30.97 -0.77 -5.65
CA HIS A 246 29.66 -0.74 -5.01
C HIS A 246 28.93 -2.10 -5.02
N LEU A 247 29.59 -3.13 -5.54
CA LEU A 247 28.94 -4.43 -5.66
C LEU A 247 29.77 -5.45 -4.92
N LEU A 248 29.13 -6.32 -4.15
CA LEU A 248 29.85 -7.12 -3.17
C LEU A 248 30.81 -8.10 -3.82
N ILE A 249 30.39 -8.70 -4.92
CA ILE A 249 31.27 -9.66 -5.59
C ILE A 249 32.61 -9.00 -5.98
N GLY A 250 32.57 -7.73 -6.38
CA GLY A 250 33.77 -6.97 -6.69
C GLY A 250 34.63 -6.68 -5.46
N LEU A 251 33.97 -6.38 -4.34
CA LEU A 251 34.66 -6.20 -3.08
C LEU A 251 35.28 -7.50 -2.59
N TYR A 252 34.52 -8.59 -2.65
CA TYR A 252 35.07 -9.90 -2.27
C TYR A 252 36.29 -10.24 -3.11
N LYS A 253 36.14 -10.15 -4.44
CA LYS A 253 37.21 -10.55 -5.33
C LYS A 253 38.45 -9.80 -4.96
N ARG A 254 38.23 -8.53 -4.68
CA ARG A 254 39.31 -7.63 -4.40
C ARG A 254 40.03 -8.01 -3.13
N GLN A 255 39.28 -8.14 -2.05
CA GLN A 255 39.90 -8.25 -0.73
C GLN A 255 40.57 -9.60 -0.48
N GLN A 256 40.10 -10.63 -1.19
CA GLN A 256 40.74 -11.93 -1.21
C GLN A 256 42.14 -11.90 -1.80
N GLU A 257 42.51 -10.80 -2.45
CA GLU A 257 43.91 -10.59 -2.84
C GLU A 257 44.74 -10.07 -1.66
N GLY A 258 44.11 -9.92 -0.49
CA GLY A 258 44.83 -9.72 0.78
C GLY A 258 45.26 -8.32 1.16
N HIS A 259 44.85 -7.31 0.40
CA HIS A 259 45.40 -5.97 0.60
C HIS A 259 44.32 -4.93 0.94
N ILE A 260 43.33 -5.38 1.71
CA ILE A 260 42.18 -4.55 2.05
C ILE A 260 41.79 -4.64 3.51
N ILE A 261 41.50 -3.49 4.10
CA ILE A 261 40.96 -3.36 5.45
C ILE A 261 39.59 -2.71 5.41
N MET A 262 38.63 -3.32 6.09
CA MET A 262 37.29 -2.80 6.18
C MET A 262 36.87 -2.59 7.61
N GLU A 263 35.91 -1.70 7.79
CA GLU A 263 35.40 -1.33 9.08
C GLU A 263 33.94 -1.04 8.75
N GLU A 264 33.01 -1.77 9.34
CA GLU A 264 31.59 -1.50 9.16
C GLU A 264 31.08 -0.90 10.46
N MET A 265 30.71 0.38 10.38
CA MET A 265 30.31 1.13 11.55
C MET A 265 29.02 0.58 12.19
N LEU A 266 28.08 0.15 11.34
CA LEU A 266 26.73 -0.26 11.73
C LEU A 266 26.38 -1.64 11.22
N LYS A 267 26.46 -2.64 12.08
CA LYS A 267 26.43 -4.04 11.65
C LYS A 267 25.05 -4.65 11.70
N GLY A 268 24.77 -5.56 10.77
CA GLY A 268 23.56 -6.35 10.78
C GLY A 268 22.94 -6.47 9.40
N SER A 269 22.27 -7.60 9.15
CA SER A 269 21.59 -7.86 7.88
C SER A 269 20.87 -6.62 7.38
N SER A 270 21.14 -6.26 6.13
CA SER A 270 20.64 -5.05 5.52
C SER A 270 20.83 -5.10 4.00
N THR A 271 19.86 -4.55 3.28
CA THR A 271 19.92 -4.52 1.83
C THR A 271 21.14 -3.77 1.34
N ILE A 272 21.49 -2.68 2.04
CA ILE A 272 22.75 -1.93 1.81
C ILE A 272 23.67 -1.93 3.03
N HIS A 273 24.94 -2.13 2.76
CA HIS A 273 25.98 -2.10 3.75
C HIS A 273 26.97 -0.98 3.41
N ASN A 274 27.45 -0.29 4.45
CA ASN A 274 28.39 0.81 4.29
C ASN A 274 29.70 0.47 4.93
N TYR A 275 30.78 0.60 4.18
CA TYR A 275 32.10 0.24 4.67
C TYR A 275 33.06 1.43 4.61
N PHE A 276 34.02 1.41 5.53
CA PHE A 276 35.12 2.34 5.59
C PHE A 276 36.32 1.55 5.07
N ILE A 277 36.68 1.72 3.80
CA ILE A 277 37.64 0.85 3.16
C ILE A 277 38.94 1.52 2.84
N THR A 278 40.01 0.75 3.01
CA THR A 278 41.35 1.20 2.74
C THR A 278 42.08 0.11 1.96
N GLU A 279 42.87 0.51 0.96
CA GLU A 279 43.70 -0.43 0.20
C GLU A 279 45.13 -0.23 0.66
N THR A 280 45.82 -1.31 0.98
CA THR A 280 47.09 -1.23 1.71
C THR A 280 48.37 -1.14 0.84
N ASN A 281 48.21 -1.10 -0.49
CA ASN A 281 49.33 -0.72 -1.34
C ASN A 281 49.28 0.75 -1.68
N THR A 282 48.11 1.24 -2.03
CA THR A 282 47.97 2.56 -2.59
C THR A 282 47.49 3.58 -1.57
N ALA A 283 47.10 3.09 -0.41
CA ALA A 283 46.55 3.94 0.61
C ALA A 283 45.24 4.62 0.17
N ALA A 284 44.64 4.13 -0.90
CA ALA A 284 43.35 4.66 -1.33
C ALA A 284 42.32 4.29 -0.25
N PHE A 285 41.43 5.24 0.06
CA PHE A 285 40.45 5.02 1.09
C PHE A 285 39.14 5.75 0.82
N LYS A 286 38.06 5.19 1.37
CA LYS A 286 36.77 5.84 1.33
C LYS A 286 36.01 5.55 2.60
N ALA A 287 35.64 6.60 3.33
CA ALA A 287 34.94 6.49 4.62
C ALA A 287 33.57 5.86 4.48
N VAL A 288 32.91 6.06 3.35
CA VAL A 288 31.56 5.52 3.12
C VAL A 288 31.41 4.95 1.74
N CYS A 289 31.68 3.64 1.62
CA CYS A 289 31.55 2.94 0.36
C CYS A 289 30.34 2.06 0.50
N SER A 290 29.26 2.46 -0.16
CA SER A 290 28.00 1.73 -0.08
C SER A 290 28.02 0.50 -0.99
N VAL A 291 27.55 -0.63 -0.47
CA VAL A 291 27.71 -1.89 -1.18
C VAL A 291 26.46 -2.74 -1.13
N ILE A 292 26.06 -3.25 -2.30
CA ILE A 292 24.94 -4.20 -2.42
C ILE A 292 25.47 -5.51 -2.95
N ASP A 293 24.93 -6.61 -2.43
CA ASP A 293 25.26 -7.94 -2.92
C ASP A 293 24.15 -8.44 -3.82
N LEU A 294 24.12 -7.95 -5.04
CA LEU A 294 23.20 -8.49 -6.03
C LEU A 294 23.89 -9.61 -6.80
N LYS A 295 23.10 -10.59 -7.22
CA LYS A 295 23.52 -11.48 -8.29
C LYS A 295 24.07 -10.58 -9.39
N LEU A 296 25.27 -10.88 -9.89
CA LEU A 296 25.91 -9.97 -10.83
C LEU A 296 25.10 -9.83 -12.13
N ASP A 297 24.52 -10.93 -12.58
CA ASP A 297 23.62 -10.90 -13.74
C ASP A 297 22.49 -9.88 -13.53
N ASP A 298 21.95 -9.85 -12.34
CA ASP A 298 20.86 -8.91 -12.07
C ASP A 298 21.34 -7.44 -12.10
N PHE A 299 22.54 -7.20 -11.56
CA PHE A 299 23.14 -5.88 -11.60
C PHE A 299 23.42 -5.46 -13.04
N VAL A 300 23.85 -6.39 -13.87
CA VAL A 300 24.10 -6.10 -15.26
C VAL A 300 22.77 -5.77 -16.00
N MET A 301 21.75 -6.55 -15.72
CA MET A 301 20.46 -6.35 -16.33
C MET A 301 19.99 -4.91 -16.09
N ILE A 302 20.13 -4.44 -14.86
CA ILE A 302 19.65 -3.12 -14.50
C ILE A 302 20.35 -2.02 -15.29
N LEU A 303 21.67 -2.14 -15.41
CA LEU A 303 22.43 -1.15 -16.12
C LEU A 303 22.07 -1.08 -17.60
N LYS A 304 21.83 -2.24 -18.20
CA LYS A 304 21.52 -2.32 -19.62
C LYS A 304 20.10 -1.88 -19.90
N SER A 305 19.33 -1.60 -18.85
CA SER A 305 17.96 -1.07 -18.97
C SER A 305 17.93 0.44 -19.03
N GLN A 306 19.07 1.10 -18.92
CA GLN A 306 19.09 2.51 -18.61
C GLN A 306 19.57 3.37 -19.77
N ASP A 307 19.08 4.60 -19.79
CA ASP A 307 19.45 5.58 -20.82
C ASP A 307 20.82 6.25 -20.52
N LEU A 308 21.79 5.93 -21.37
CA LEU A 308 23.14 6.44 -21.24
C LEU A 308 23.22 7.88 -21.73
N GLY A 309 22.09 8.37 -22.26
CA GLY A 309 21.94 9.75 -22.68
C GLY A 309 21.98 10.72 -21.52
N VAL A 310 21.19 10.47 -20.48
CA VAL A 310 21.05 11.47 -19.41
C VAL A 310 22.29 11.57 -18.50
N VAL A 311 22.69 12.80 -18.20
CA VAL A 311 23.88 13.07 -17.39
C VAL A 311 23.71 12.60 -15.95
N SER A 312 22.50 12.77 -15.42
CA SER A 312 22.19 12.42 -14.02
C SER A 312 20.74 11.99 -13.81
N LYS A 313 20.55 11.00 -12.93
CA LYS A 313 19.28 10.32 -12.79
C LYS A 313 19.27 9.48 -11.50
N VAL A 314 18.24 9.69 -10.67
CA VAL A 314 17.87 8.77 -9.60
C VAL A 314 17.07 7.61 -10.21
N VAL A 315 17.63 6.40 -10.13
CA VAL A 315 17.01 5.19 -10.65
C VAL A 315 16.40 4.42 -9.49
N LYS A 316 15.16 3.99 -9.68
CA LYS A 316 14.38 3.37 -8.62
C LYS A 316 14.24 1.89 -8.91
N VAL A 317 14.71 1.02 -8.01
CA VAL A 317 14.62 -0.43 -8.28
C VAL A 317 13.93 -1.17 -7.13
N PRO A 318 12.97 -2.06 -7.47
CA PRO A 318 12.36 -2.91 -6.46
C PRO A 318 13.31 -4.07 -6.09
N ILE A 319 13.74 -4.09 -4.83
CA ILE A 319 14.69 -5.06 -4.30
C ILE A 319 14.37 -5.36 -2.85
N ASP A 320 14.52 -6.62 -2.45
CA ASP A 320 14.38 -6.96 -1.03
C ASP A 320 13.07 -6.38 -0.45
N LEU A 321 12.01 -6.43 -1.25
CA LEU A 321 10.67 -6.06 -0.83
C LEU A 321 10.43 -4.54 -0.56
N THR A 322 11.43 -3.69 -0.80
CA THR A 322 11.32 -2.22 -0.76
C THR A 322 11.67 -1.62 -2.11
N MET A 323 11.70 -0.29 -2.20
CA MET A 323 12.26 0.40 -3.35
C MET A 323 13.66 0.80 -2.98
N ILE A 324 14.64 0.53 -3.86
CA ILE A 324 16.03 0.98 -3.65
C ILE A 324 16.50 1.94 -4.75
N GLU A 325 17.12 3.04 -4.33
CA GLU A 325 17.49 4.11 -5.23
C GLU A 325 18.98 4.14 -5.44
N PHE A 326 19.37 4.42 -6.68
CA PHE A 326 20.74 4.59 -7.03
C PHE A 326 20.86 5.89 -7.77
N MET A 327 22.04 6.50 -7.70
CA MET A 327 22.37 7.54 -8.65
C MET A 327 23.08 6.88 -9.84
N LEU A 328 22.77 7.38 -11.05
CA LEU A 328 23.49 7.02 -12.26
C LEU A 328 23.97 8.27 -12.97
N TRP A 329 25.29 8.44 -13.03
CA TRP A 329 25.90 9.56 -13.74
C TRP A 329 26.46 9.09 -15.06
N CYS A 330 26.16 9.82 -16.15
CA CYS A 330 26.67 9.48 -17.49
C CYS A 330 27.35 10.63 -18.20
N LYS A 331 28.18 10.29 -19.18
CA LYS A 331 28.88 11.29 -20.00
C LYS A 331 29.28 10.68 -21.33
N ASP A 332 28.97 11.38 -22.42
CA ASP A 332 29.23 10.91 -23.78
C ASP A 332 28.80 9.48 -23.94
N GLY A 333 27.55 9.18 -23.58
CA GLY A 333 26.94 7.90 -23.92
C GLY A 333 27.50 6.68 -23.18
N GLN A 334 28.22 6.95 -22.09
CA GLN A 334 28.79 5.91 -21.21
C GLN A 334 28.45 6.24 -19.74
N VAL A 335 28.63 5.24 -18.90
CA VAL A 335 28.42 5.40 -17.47
C VAL A 335 29.70 5.99 -16.89
N GLN A 336 29.57 7.00 -16.05
CA GLN A 336 30.73 7.46 -15.29
C GLN A 336 30.75 6.62 -14.04
N THR A 337 29.67 6.71 -13.25
CA THR A 337 29.51 5.97 -12.01
C THR A 337 28.02 5.59 -11.74
N PHE A 338 27.83 4.62 -10.83
CA PHE A 338 26.51 4.13 -10.43
C PHE A 338 26.61 3.55 -9.01
N TYR A 339 25.82 4.11 -8.09
CA TYR A 339 25.91 3.73 -6.69
C TYR A 339 24.58 3.90 -6.01
N PRO A 340 24.36 3.17 -4.90
CA PRO A 340 23.16 3.35 -4.08
C PRO A 340 23.20 4.66 -3.29
N ARG A 341 22.06 5.08 -2.77
CA ARG A 341 22.03 6.22 -1.85
C ARG A 341 21.32 5.81 -0.59
N GLY B 1 -35.02 -4.97 -31.51
CA GLY B 1 -33.95 -4.01 -31.90
C GLY B 1 -34.29 -2.52 -31.75
N LEU B 2 -33.58 -1.70 -32.52
CA LEU B 2 -33.58 -0.24 -32.34
C LEU B 2 -34.94 0.41 -32.36
N GLU B 3 -35.75 0.05 -33.34
CA GLU B 3 -37.08 0.60 -33.44
C GLU B 3 -37.92 0.21 -32.22
N ASN B 4 -37.73 -1.01 -31.74
CA ASN B 4 -38.47 -1.47 -30.56
C ASN B 4 -38.06 -0.74 -29.25
N ILE B 5 -36.79 -0.44 -29.13
CA ILE B 5 -36.30 0.27 -27.97
C ILE B 5 -36.82 1.71 -27.97
N ALA B 6 -36.83 2.32 -29.15
CA ALA B 6 -37.47 3.62 -29.34
C ALA B 6 -38.95 3.62 -28.94
N PHE B 7 -39.69 2.58 -29.33
CA PHE B 7 -41.11 2.42 -28.96
C PHE B 7 -41.23 2.36 -27.46
N ASN B 8 -40.48 1.46 -26.82
CA ASN B 8 -40.50 1.30 -25.35
C ASN B 8 -40.30 2.63 -24.69
N VAL B 9 -39.27 3.37 -25.15
CA VAL B 9 -38.91 4.61 -24.48
C VAL B 9 -40.05 5.63 -24.56
N VAL B 10 -40.65 5.75 -25.74
CA VAL B 10 -41.78 6.66 -25.94
C VAL B 10 -43.03 6.24 -25.14
N LYS B 11 -43.32 4.95 -25.13
CA LYS B 11 -44.61 4.47 -24.67
C LYS B 11 -44.62 4.23 -23.18
N GLN B 12 -43.49 3.73 -22.69
CA GLN B 12 -43.37 3.15 -21.36
C GLN B 12 -42.27 3.85 -20.52
N GLY B 13 -41.68 4.90 -21.07
CA GLY B 13 -40.68 5.69 -20.37
C GLY B 13 -39.25 5.18 -20.45
N HIS B 14 -39.08 3.88 -20.70
CA HIS B 14 -37.78 3.22 -20.70
C HIS B 14 -37.99 1.81 -21.19
N PHE B 15 -36.93 1.01 -21.25
CA PHE B 15 -37.07 -0.32 -21.79
C PHE B 15 -37.68 -1.31 -20.78
N ILE B 16 -38.76 -1.95 -21.21
CA ILE B 16 -39.52 -2.82 -20.35
C ILE B 16 -39.86 -4.14 -21.04
N GLY B 17 -39.40 -4.32 -22.28
CA GLY B 17 -39.59 -5.59 -23.00
C GLY B 17 -40.91 -5.67 -23.74
N VAL B 18 -41.65 -4.58 -23.69
CA VAL B 18 -42.88 -4.48 -24.42
C VAL B 18 -42.64 -4.62 -25.92
N GLU B 19 -43.68 -4.82 -26.70
CA GLU B 19 -43.54 -4.94 -28.16
C GLU B 19 -44.11 -3.77 -28.95
N GLY B 20 -43.54 -3.53 -30.12
CA GLY B 20 -43.95 -2.40 -30.97
C GLY B 20 -42.74 -1.66 -31.53
N GLU B 21 -42.94 -0.92 -32.62
CA GLU B 21 -41.85 -0.22 -33.33
C GLU B 21 -42.13 1.26 -33.48
N LEU B 22 -41.10 2.08 -33.60
CA LEU B 22 -41.27 3.43 -34.13
C LEU B 22 -40.18 3.67 -35.17
N PRO B 23 -40.47 4.51 -36.18
CA PRO B 23 -39.42 4.84 -37.14
C PRO B 23 -38.40 5.73 -36.49
N VAL B 24 -37.14 5.56 -36.88
CA VAL B 24 -35.99 6.15 -36.22
C VAL B 24 -34.84 6.48 -37.17
N ALA B 25 -34.43 7.72 -37.16
CA ALA B 25 -33.17 8.09 -37.84
C ALA B 25 -32.01 8.11 -36.84
N VAL B 26 -30.86 7.54 -37.22
CA VAL B 26 -29.64 7.67 -36.40
C VAL B 26 -28.69 8.65 -37.06
N VAL B 27 -28.57 9.87 -36.52
CA VAL B 27 -27.86 10.95 -37.21
C VAL B 27 -26.73 11.57 -36.41
N ASN B 28 -25.50 11.18 -36.78
CA ASN B 28 -24.27 11.37 -35.97
C ASN B 28 -24.53 10.98 -34.50
N ASP B 29 -24.29 11.92 -33.60
CA ASP B 29 -24.55 11.74 -32.19
C ASP B 29 -26.02 11.76 -31.75
N LYS B 30 -26.98 11.93 -32.67
CA LYS B 30 -28.39 12.05 -32.25
C LYS B 30 -29.28 10.94 -32.75
N ILE B 31 -30.33 10.68 -31.98
CA ILE B 31 -31.40 9.77 -32.38
C ILE B 31 -32.68 10.58 -32.56
N PHE B 32 -33.27 10.52 -33.75
CA PHE B 32 -34.56 11.15 -33.99
C PHE B 32 -35.64 10.09 -34.22
N THR B 33 -36.89 10.42 -33.89
CA THR B 33 -38.02 9.59 -34.30
C THR B 33 -39.09 10.41 -35.05
N LYS B 34 -39.77 9.78 -36.00
CA LYS B 34 -40.84 10.45 -36.74
C LYS B 34 -42.09 10.36 -35.92
N SER B 35 -42.50 11.49 -35.35
CA SER B 35 -43.77 11.58 -34.64
C SER B 35 -44.64 12.51 -35.45
N GLY B 36 -45.77 11.99 -35.94
CA GLY B 36 -46.62 12.74 -36.84
C GLY B 36 -45.78 13.19 -38.01
N VAL B 37 -45.72 14.50 -38.23
CA VAL B 37 -45.02 15.06 -39.39
C VAL B 37 -43.63 15.62 -39.02
N ASN B 38 -43.30 15.54 -37.74
CA ASN B 38 -42.03 16.04 -37.21
C ASN B 38 -41.01 14.96 -36.84
N ASP B 39 -39.73 15.26 -37.01
CA ASP B 39 -38.63 14.46 -36.49
C ASP B 39 -38.24 14.96 -35.10
N ILE B 40 -38.31 14.09 -34.09
CA ILE B 40 -38.10 14.53 -32.71
C ILE B 40 -36.95 13.81 -32.07
N CYS B 41 -36.07 14.61 -31.49
CA CYS B 41 -34.80 14.15 -30.93
C CYS B 41 -35.03 13.43 -29.62
N MET B 42 -34.72 12.14 -29.58
CA MET B 42 -34.87 11.34 -28.38
C MET B 42 -33.60 11.20 -27.60
N PHE B 43 -32.44 11.47 -28.21
CA PHE B 43 -31.17 11.13 -27.59
C PHE B 43 -29.97 11.89 -28.14
N GLU B 44 -29.00 12.14 -27.27
CA GLU B 44 -27.79 12.87 -27.65
C GLU B 44 -26.57 12.20 -26.99
N ASN B 45 -25.74 11.59 -27.81
CA ASN B 45 -24.64 10.76 -27.35
C ASN B 45 -23.53 11.58 -26.75
N LYS B 46 -23.24 11.39 -25.45
CA LYS B 46 -22.01 11.92 -24.81
C LYS B 46 -20.98 10.79 -24.50
N THR B 47 -21.17 9.63 -25.15
CA THR B 47 -20.46 8.38 -24.91
C THR B 47 -19.39 8.22 -26.00
N THR B 48 -18.54 7.21 -25.82
CA THR B 48 -17.63 6.76 -26.86
C THR B 48 -18.21 5.60 -27.65
N LEU B 49 -19.48 5.31 -27.43
CA LEU B 49 -20.13 4.11 -27.99
C LEU B 49 -21.04 4.49 -29.13
N PRO B 50 -21.26 3.57 -30.06
CA PRO B 50 -22.11 3.94 -31.19
C PRO B 50 -23.45 4.46 -30.71
N THR B 51 -23.87 5.58 -31.31
CA THR B 51 -25.05 6.29 -30.89
C THR B 51 -26.25 5.36 -30.64
N ASN B 52 -26.43 4.35 -31.47
CA ASN B 52 -27.58 3.45 -31.31
C ASN B 52 -27.47 2.57 -30.07
N ILE B 53 -26.23 2.24 -29.72
CA ILE B 53 -25.95 1.38 -28.58
C ILE B 53 -26.06 2.14 -27.26
N ALA B 54 -25.48 3.33 -27.21
CA ALA B 54 -25.55 4.19 -26.04
C ALA B 54 -27.01 4.42 -25.65
N PHE B 55 -27.80 4.75 -26.66
CA PHE B 55 -29.24 4.91 -26.53
C PHE B 55 -29.92 3.65 -25.99
N GLU B 56 -29.44 2.48 -26.40
CA GLU B 56 -29.98 1.22 -25.89
C GLU B 56 -29.70 1.11 -24.40
N LEU B 57 -28.45 1.35 -24.05
CA LEU B 57 -27.98 1.23 -22.68
C LEU B 57 -28.69 2.18 -21.75
N TYR B 58 -28.86 3.40 -22.22
CA TYR B 58 -29.66 4.37 -21.54
C TYR B 58 -31.08 3.82 -21.31
N ALA B 59 -31.78 3.52 -22.39
CA ALA B 59 -33.13 3.01 -22.27
C ALA B 59 -33.20 1.84 -21.30
N LYS B 60 -32.07 1.20 -21.13
CA LYS B 60 -31.98 0.07 -20.27
C LYS B 60 -31.23 0.43 -19.00
N ARG B 61 -31.30 1.67 -18.55
CA ARG B 61 -30.89 2.03 -17.22
C ARG B 61 -31.49 1.06 -16.27
N ALA B 62 -30.90 0.82 -15.13
CA ALA B 62 -31.60 0.17 -14.06
C ALA B 62 -32.27 1.27 -13.31
N VAL B 63 -33.57 1.23 -13.22
CA VAL B 63 -34.33 2.26 -12.54
C VAL B 63 -34.66 1.81 -11.12
N ARG B 64 -33.64 1.86 -10.26
CA ARG B 64 -33.73 1.56 -8.82
C ARG B 64 -32.62 2.37 -8.14
N SER B 65 -32.70 2.51 -6.83
CA SER B 65 -31.61 3.14 -6.06
C SER B 65 -30.36 2.29 -6.05
N HIS B 66 -29.21 2.91 -5.81
CA HIS B 66 -27.94 2.17 -5.62
C HIS B 66 -26.87 3.08 -5.00
N PRO B 67 -25.75 2.48 -4.54
CA PRO B 67 -24.67 3.26 -3.94
C PRO B 67 -24.09 4.23 -4.90
N ASP B 68 -23.59 5.36 -4.43
CA ASP B 68 -23.04 6.35 -5.37
C ASP B 68 -21.85 5.75 -6.11
N PHE B 69 -21.63 6.19 -7.32
CA PHE B 69 -20.59 5.61 -8.20
C PHE B 69 -19.19 5.62 -7.58
N LYS B 70 -18.91 6.59 -6.72
CA LYS B 70 -17.59 6.68 -6.10
C LYS B 70 -17.25 5.43 -5.31
N LEU B 71 -18.28 4.84 -4.69
CA LEU B 71 -18.09 3.67 -3.85
C LEU B 71 -17.75 2.46 -4.69
N LEU B 72 -18.44 2.33 -5.81
CA LEU B 72 -18.19 1.26 -6.75
C LEU B 72 -16.79 1.37 -7.33
N HIS B 73 -16.39 2.58 -7.69
CA HIS B 73 -15.04 2.82 -8.20
C HIS B 73 -13.97 2.46 -7.17
N ASN B 74 -14.21 2.84 -5.90
CA ASN B 74 -13.25 2.54 -4.86
C ASN B 74 -13.16 1.04 -4.57
N LEU B 75 -14.29 0.31 -4.69
CA LEU B 75 -14.26 -1.15 -4.66
C LEU B 75 -13.73 -1.82 -5.96
N GLN B 76 -13.47 -1.02 -6.99
CA GLN B 76 -12.89 -1.47 -8.26
C GLN B 76 -13.83 -2.36 -9.04
N ALA B 77 -15.12 -2.13 -8.88
CA ALA B 77 -16.12 -2.75 -9.74
C ALA B 77 -15.80 -2.45 -11.19
N ASP B 78 -15.75 -3.49 -12.03
CA ASP B 78 -15.37 -3.38 -13.45
C ASP B 78 -16.59 -3.34 -14.36
N ILE B 79 -17.64 -4.09 -13.98
CA ILE B 79 -18.76 -4.37 -14.87
C ILE B 79 -19.91 -4.87 -13.98
N CYS B 80 -21.16 -4.78 -14.46
CA CYS B 80 -22.34 -5.23 -13.67
C CYS B 80 -22.98 -6.47 -14.25
N TYR B 81 -23.62 -7.27 -13.40
CA TYR B 81 -24.24 -8.52 -13.85
C TYR B 81 -25.70 -8.33 -14.18
N LYS B 82 -26.01 -8.32 -15.47
CA LYS B 82 -27.39 -8.29 -15.99
C LYS B 82 -28.15 -7.01 -15.68
N PHE B 83 -27.40 -5.94 -15.51
CA PHE B 83 -27.95 -4.62 -15.39
C PHE B 83 -26.87 -3.62 -15.74
N VAL B 84 -27.28 -2.40 -15.87
CA VAL B 84 -26.39 -1.36 -16.32
C VAL B 84 -26.79 -0.06 -15.62
N LEU B 85 -25.80 0.65 -15.08
CA LEU B 85 -26.08 1.87 -14.31
C LEU B 85 -25.78 3.13 -15.10
N TRP B 86 -26.77 4.03 -15.15
CA TRP B 86 -26.63 5.30 -15.83
C TRP B 86 -26.16 6.38 -14.91
N ASP B 87 -25.03 6.95 -15.24
CA ASP B 87 -24.55 8.16 -14.59
C ASP B 87 -25.12 9.41 -15.29
N TYR B 88 -26.06 10.07 -14.65
CA TYR B 88 -26.78 11.22 -15.26
C TYR B 88 -25.91 12.51 -15.44
N GLU B 89 -25.09 12.83 -14.44
CA GLU B 89 -24.13 13.93 -14.58
C GLU B 89 -23.28 13.72 -15.84
N ARG B 90 -22.67 12.54 -16.01
CA ARG B 90 -21.88 12.28 -17.22
C ARG B 90 -22.70 11.96 -18.44
N SER B 91 -23.92 11.44 -18.29
CA SER B 91 -24.68 10.92 -19.45
C SER B 91 -23.89 9.79 -20.10
N ASN B 92 -23.64 8.77 -19.27
CA ASN B 92 -22.93 7.61 -19.70
C ASN B 92 -23.20 6.50 -18.69
N ILE B 93 -22.86 5.31 -19.14
CA ILE B 93 -22.82 4.08 -18.37
C ILE B 93 -21.67 4.08 -17.36
N TYR B 94 -21.84 3.40 -16.23
CA TYR B 94 -20.66 3.02 -15.42
C TYR B 94 -19.95 1.89 -16.17
N GLY B 95 -18.73 2.14 -16.64
CA GLY B 95 -17.96 1.16 -17.41
C GLY B 95 -18.19 1.28 -18.90
N THR B 96 -17.74 0.28 -19.65
CA THR B 96 -17.89 0.28 -21.11
C THR B 96 -18.41 -1.01 -21.70
N ALA B 97 -18.22 -2.13 -20.99
CA ALA B 97 -18.75 -3.41 -21.42
C ALA B 97 -19.93 -3.81 -20.56
N THR B 98 -20.65 -4.82 -20.99
CA THR B 98 -21.89 -5.17 -20.32
C THR B 98 -22.09 -6.70 -20.24
N ILE B 99 -23.01 -7.14 -19.38
CA ILE B 99 -23.28 -8.59 -19.27
C ILE B 99 -24.79 -8.80 -19.29
N GLY B 100 -25.25 -9.51 -20.32
CA GLY B 100 -26.64 -9.85 -20.44
C GLY B 100 -27.55 -8.64 -20.54
N VAL B 101 -27.11 -7.59 -21.24
CA VAL B 101 -27.94 -6.38 -21.44
C VAL B 101 -28.08 -5.99 -22.93
N CYS B 102 -26.97 -5.96 -23.65
CA CYS B 102 -26.97 -5.47 -24.99
C CYS B 102 -26.01 -6.29 -25.77
N LYS B 103 -26.49 -6.91 -26.85
CA LYS B 103 -25.67 -7.91 -27.54
C LYS B 103 -24.35 -7.34 -27.99
N TYR B 104 -24.37 -6.11 -28.46
CA TYR B 104 -23.18 -5.53 -29.04
C TYR B 104 -22.07 -5.33 -28.02
N THR B 105 -22.44 -5.04 -26.77
CA THR B 105 -21.45 -4.73 -25.74
C THR B 105 -21.25 -5.90 -24.76
N ASP B 106 -22.20 -6.87 -24.78
CA ASP B 106 -22.17 -8.01 -23.86
C ASP B 106 -20.86 -8.73 -24.01
N ILE B 107 -20.23 -9.08 -22.92
CA ILE B 107 -19.11 -9.96 -22.98
C ILE B 107 -19.46 -11.16 -22.16
N ASP B 108 -18.87 -12.29 -22.47
CA ASP B 108 -19.11 -13.48 -21.71
C ASP B 108 -18.85 -13.20 -20.25
N VAL B 109 -19.58 -13.89 -19.41
CA VAL B 109 -19.53 -13.66 -17.99
C VAL B 109 -18.24 -14.14 -17.40
N ASN B 110 -17.12 -13.73 -17.94
CA ASN B 110 -15.85 -14.27 -17.51
C ASN B 110 -14.70 -13.35 -17.90
N SER B 111 -13.78 -13.06 -16.99
CA SER B 111 -13.85 -13.42 -15.59
C SER B 111 -12.53 -13.36 -14.84
N ALA B 112 -12.05 -12.15 -14.62
CA ALA B 112 -10.99 -11.91 -13.68
C ALA B 112 -11.34 -10.55 -13.17
N LEU B 113 -12.37 -10.01 -13.80
CA LEU B 113 -12.91 -8.74 -13.44
C LEU B 113 -13.71 -8.80 -12.18
N ASN B 114 -13.85 -7.66 -11.54
CA ASN B 114 -14.66 -7.61 -10.35
C ASN B 114 -16.08 -7.37 -10.81
N ILE B 115 -16.86 -8.42 -10.77
CA ILE B 115 -18.22 -8.33 -11.22
C ILE B 115 -19.10 -7.91 -10.07
N CYS B 116 -20.05 -7.05 -10.40
CA CYS B 116 -20.91 -6.47 -9.42
C CYS B 116 -22.28 -7.10 -9.61
N PHE B 117 -22.80 -7.67 -8.51
CA PHE B 117 -24.09 -8.40 -8.45
C PHE B 117 -24.99 -7.65 -7.53
N ASP B 118 -26.28 -7.65 -7.84
CA ASP B 118 -27.27 -7.00 -7.00
C ASP B 118 -28.39 -7.98 -6.68
N ILE B 119 -28.74 -7.99 -5.41
CA ILE B 119 -29.75 -8.89 -4.85
C ILE B 119 -31.13 -8.79 -5.52
N ARG B 120 -31.48 -7.64 -6.05
CA ARG B 120 -32.80 -7.46 -6.67
C ARG B 120 -32.95 -8.15 -8.03
N ASP B 121 -31.83 -8.58 -8.60
CA ASP B 121 -31.87 -9.41 -9.80
C ASP B 121 -31.94 -10.88 -9.41
N ASN B 122 -32.74 -11.63 -10.17
CA ASN B 122 -33.02 -13.03 -9.89
C ASN B 122 -31.79 -13.94 -9.74
N CYS B 123 -31.62 -14.51 -8.55
CA CYS B 123 -30.52 -15.42 -8.22
C CYS B 123 -29.11 -14.86 -8.44
N SER B 124 -28.99 -13.53 -8.45
CA SER B 124 -27.67 -12.92 -8.46
C SER B 124 -26.89 -13.22 -7.16
N LEU B 125 -27.62 -13.48 -6.07
CA LEU B 125 -26.97 -13.78 -4.79
C LEU B 125 -26.22 -15.11 -4.91
N GLU B 126 -26.96 -16.15 -5.28
CA GLU B 126 -26.36 -17.44 -5.65
C GLU B 126 -25.19 -17.36 -6.68
N LYS B 127 -25.35 -16.55 -7.71
CA LYS B 127 -24.28 -16.34 -8.67
C LYS B 127 -23.08 -15.70 -8.02
N PHE B 128 -23.32 -14.61 -7.29
CA PHE B 128 -22.23 -13.89 -6.60
C PHE B 128 -21.50 -14.86 -5.70
N MET B 129 -22.25 -15.73 -5.04
CA MET B 129 -21.70 -16.63 -4.03
C MET B 129 -20.87 -17.72 -4.68
N SER B 130 -20.97 -17.86 -6.00
CA SER B 130 -20.20 -18.87 -6.70
C SER B 130 -19.04 -18.25 -7.44
N THR B 131 -18.93 -16.92 -7.39
CA THR B 131 -17.98 -16.18 -8.21
C THR B 131 -16.72 -15.79 -7.41
N PRO B 132 -15.53 -16.17 -7.91
CA PRO B 132 -14.24 -15.85 -7.26
C PRO B 132 -14.02 -14.39 -6.91
N ASN B 133 -14.17 -13.49 -7.88
CA ASN B 133 -13.83 -12.07 -7.69
C ASN B 133 -15.05 -11.21 -7.95
N ALA B 134 -15.68 -10.70 -6.89
CA ALA B 134 -16.94 -10.03 -7.06
C ALA B 134 -17.34 -9.06 -5.95
N ILE B 135 -18.38 -8.27 -6.24
CA ILE B 135 -18.96 -7.31 -5.31
C ILE B 135 -20.45 -7.59 -5.20
N PHE B 136 -21.03 -7.43 -4.02
CA PHE B 136 -22.45 -7.70 -3.87
C PHE B 136 -23.16 -6.58 -3.19
N ILE B 137 -24.21 -6.08 -3.81
CA ILE B 137 -24.97 -5.02 -3.20
C ILE B 137 -26.34 -5.58 -2.78
N SER B 138 -26.69 -5.28 -1.54
CA SER B 138 -27.84 -5.89 -0.94
C SER B 138 -28.55 -4.93 0.00
N ASP B 139 -29.87 -5.02 0.01
CA ASP B 139 -30.64 -4.18 0.89
C ASP B 139 -30.70 -4.73 2.32
N ARG B 140 -30.18 -5.94 2.55
CA ARG B 140 -30.27 -6.68 3.84
C ARG B 140 -28.97 -7.44 4.15
N LYS B 141 -28.61 -7.57 5.43
CA LYS B 141 -27.41 -8.34 5.82
C LYS B 141 -27.54 -9.79 5.37
N ILE B 142 -26.45 -10.35 4.85
CA ILE B 142 -26.46 -11.74 4.43
C ILE B 142 -25.67 -12.66 5.34
N LYS B 143 -26.43 -13.35 6.20
CA LYS B 143 -25.90 -14.19 7.25
C LYS B 143 -24.85 -13.43 8.09
N LYS B 144 -23.65 -13.96 8.04
CA LYS B 144 -22.58 -13.75 8.99
C LYS B 144 -21.44 -13.01 8.33
N TYR B 145 -21.45 -12.93 7.00
CA TYR B 145 -20.27 -12.60 6.25
C TYR B 145 -19.85 -11.17 6.50
N PRO B 146 -18.54 -10.92 6.52
CA PRO B 146 -17.96 -9.60 6.71
C PRO B 146 -18.58 -8.60 5.75
N CYS B 147 -18.93 -7.43 6.24
CA CYS B 147 -19.82 -6.58 5.52
C CYS B 147 -19.45 -5.10 5.65
N MET B 148 -19.26 -4.41 4.53
CA MET B 148 -19.13 -2.95 4.55
C MET B 148 -20.52 -2.32 4.56
N VAL B 149 -20.90 -1.70 5.67
CA VAL B 149 -22.18 -1.04 5.81
C VAL B 149 -22.12 0.27 5.06
N GLY B 150 -23.15 0.58 4.29
CA GLY B 150 -23.15 1.80 3.49
C GLY B 150 -23.49 3.03 4.31
N PRO B 151 -23.28 4.21 3.76
CA PRO B 151 -23.69 5.49 4.35
C PRO B 151 -25.21 5.72 4.36
N ASP B 152 -25.62 6.86 4.93
CA ASP B 152 -27.03 7.21 5.05
C ASP B 152 -27.61 7.97 3.86
N TYR B 153 -27.08 7.68 2.67
CA TYR B 153 -27.64 8.22 1.43
C TYR B 153 -27.44 7.22 0.31
N ALA B 154 -28.09 7.45 -0.83
CA ALA B 154 -27.90 6.62 -2.02
C ALA B 154 -28.28 7.38 -3.29
N TYR B 155 -27.92 6.82 -4.46
CA TYR B 155 -28.14 7.43 -5.78
C TYR B 155 -29.34 6.81 -6.48
N PHE B 156 -30.26 7.65 -6.92
CA PHE B 156 -31.46 7.15 -7.55
C PHE B 156 -31.93 8.08 -8.68
N ASN B 157 -31.92 7.56 -9.92
CA ASN B 157 -32.31 8.33 -11.12
C ASN B 157 -31.70 9.75 -11.27
N GLY B 158 -30.50 9.97 -10.75
CA GLY B 158 -29.80 11.22 -10.99
C GLY B 158 -29.66 12.06 -9.76
N ALA B 159 -30.40 11.71 -8.71
CA ALA B 159 -30.44 12.49 -7.49
C ALA B 159 -29.83 11.70 -6.35
N ILE B 160 -29.43 12.42 -5.31
CA ILE B 160 -28.95 11.78 -4.09
C ILE B 160 -30.17 11.70 -3.21
N ILE B 161 -30.35 10.56 -2.55
CA ILE B 161 -31.53 10.30 -1.75
C ILE B 161 -31.12 9.87 -0.31
N ARG B 162 -31.66 10.56 0.68
CA ARG B 162 -31.22 10.39 2.07
C ARG B 162 -32.05 9.32 2.80
N ASP B 163 -31.40 8.54 3.66
CA ASP B 163 -32.10 7.51 4.41
C ASP B 163 -33.08 8.12 5.39
N SER B 164 -34.22 7.45 5.59
CA SER B 164 -35.25 7.93 6.51
C SER B 164 -36.46 6.98 6.60
N ASP B 165 -37.33 7.20 7.58
CA ASP B 165 -38.58 6.44 7.74
C ASP B 165 -39.47 6.25 6.49
N VAL B 166 -39.40 7.19 5.53
CA VAL B 166 -40.40 7.33 4.45
C VAL B 166 -39.89 6.91 3.07
N VAL B 167 -38.65 6.45 3.00
CA VAL B 167 -38.01 6.20 1.72
C VAL B 167 -38.55 4.89 1.11
N LYS B 168 -38.85 4.88 -0.18
CA LYS B 168 -39.48 3.71 -0.82
C LYS B 168 -38.54 2.92 -1.73
N GLN B 169 -37.37 3.46 -1.97
CA GLN B 169 -36.30 2.69 -2.52
C GLN B 169 -35.37 2.42 -1.35
N PRO B 170 -34.58 1.33 -1.41
CA PRO B 170 -33.57 1.10 -0.41
C PRO B 170 -32.45 2.16 -0.43
N VAL B 171 -32.05 2.65 0.74
CA VAL B 171 -30.91 3.61 0.85
C VAL B 171 -29.72 3.02 1.59
N LYS B 172 -29.98 2.30 2.66
CA LYS B 172 -28.93 1.68 3.42
C LYS B 172 -28.55 0.38 2.75
N PHE B 173 -27.34 0.32 2.19
CA PHE B 173 -26.88 -0.91 1.53
C PHE B 173 -25.80 -1.62 2.33
N TYR B 174 -25.74 -2.93 2.12
CA TYR B 174 -24.74 -3.76 2.69
C TYR B 174 -23.95 -4.32 1.52
N LEU B 175 -22.66 -4.04 1.52
CA LEU B 175 -21.78 -4.32 0.41
C LEU B 175 -20.82 -5.44 0.79
N TYR B 176 -20.53 -6.31 -0.17
CA TYR B 176 -19.66 -7.45 0.06
C TYR B 176 -18.67 -7.53 -1.09
N LYS B 177 -17.45 -7.91 -0.79
CA LYS B 177 -16.44 -8.03 -1.82
C LYS B 177 -15.58 -9.25 -1.53
N LYS B 178 -15.50 -10.15 -2.50
CA LYS B 178 -14.67 -11.34 -2.43
C LYS B 178 -13.55 -11.15 -3.41
N VAL B 179 -12.33 -11.53 -3.04
CA VAL B 179 -11.20 -11.38 -3.97
C VAL B 179 -10.71 -12.70 -4.58
N ASN B 180 -10.46 -13.74 -3.80
CA ASN B 180 -10.23 -15.05 -4.43
C ASN B 180 -11.11 -16.11 -3.84
N ASN B 181 -12.41 -15.84 -3.87
CA ASN B 181 -13.39 -16.63 -3.16
C ASN B 181 -13.32 -16.39 -1.63
N GLU B 182 -12.57 -15.38 -1.22
CA GLU B 182 -12.39 -14.98 0.19
C GLU B 182 -12.96 -13.57 0.43
N PHE B 183 -13.80 -13.42 1.46
CA PHE B 183 -14.46 -12.15 1.76
C PHE B 183 -13.50 -11.14 2.39
N ILE B 184 -13.67 -9.89 1.99
CA ILE B 184 -12.77 -8.83 2.38
C ILE B 184 -13.37 -8.22 3.64
N ASP B 185 -12.51 -7.72 4.52
CA ASP B 185 -12.97 -7.32 5.85
C ASP B 185 -12.34 -6.03 6.31
N PRO B 186 -12.65 -4.91 5.65
CA PRO B 186 -11.88 -3.69 5.90
C PRO B 186 -12.17 -3.04 7.22
N THR B 187 -11.29 -2.11 7.59
CA THR B 187 -11.49 -1.34 8.81
C THR B 187 -12.61 -0.40 8.51
N GLU B 188 -13.51 -0.27 9.46
CA GLU B 188 -14.55 0.75 9.43
C GLU B 188 -14.04 2.03 8.76
N CYS B 189 -14.87 2.63 7.93
CA CYS B 189 -14.51 3.92 7.34
C CYS B 189 -15.59 5.00 7.54
N ILE B 190 -15.19 6.23 7.26
CA ILE B 190 -16.03 7.41 7.29
C ILE B 190 -16.58 7.55 5.87
N TYR B 191 -17.59 8.41 5.64
CA TYR B 191 -18.09 8.66 4.27
C TYR B 191 -18.18 10.13 3.84
N THR B 192 -17.92 10.41 2.57
CA THR B 192 -18.21 11.72 1.98
C THR B 192 -19.69 11.72 1.65
N GLN B 193 -20.26 12.88 1.36
CA GLN B 193 -21.72 13.00 1.40
C GLN B 193 -22.37 13.30 0.07
N SER B 194 -21.58 13.35 -0.99
CA SER B 194 -22.12 13.54 -2.33
C SER B 194 -23.05 14.77 -2.41
N ARG B 195 -22.68 15.85 -1.78
CA ARG B 195 -23.42 17.10 -1.96
C ARG B 195 -22.69 17.97 -2.97
N SER B 196 -23.38 18.95 -3.53
CA SER B 196 -22.75 19.88 -4.44
C SER B 196 -23.12 21.32 -4.07
N CYS B 197 -22.63 22.26 -4.86
CA CYS B 197 -22.90 23.67 -4.62
C CYS B 197 -24.31 24.03 -5.05
N SER B 198 -24.93 23.20 -5.91
CA SER B 198 -26.33 23.37 -6.28
C SER B 198 -27.23 22.73 -5.23
N ASP B 199 -26.80 21.62 -4.67
CA ASP B 199 -27.66 20.86 -3.76
C ASP B 199 -26.95 20.57 -2.44
N PHE B 200 -27.12 21.49 -1.49
CA PHE B 200 -26.42 21.35 -0.23
C PHE B 200 -27.35 21.61 0.96
N LEU B 201 -27.54 20.58 1.79
CA LEU B 201 -28.20 20.78 3.05
C LEU B 201 -27.28 20.29 4.13
N PRO B 202 -27.26 21.01 5.26
CA PRO B 202 -26.40 20.63 6.36
C PRO B 202 -26.96 19.40 7.08
N LEU B 203 -26.12 18.80 7.93
CA LEU B 203 -26.43 17.51 8.54
C LEU B 203 -26.20 17.52 10.04
N SER B 204 -25.64 18.59 10.59
CA SER B 204 -25.46 18.70 12.02
C SER B 204 -25.64 20.14 12.48
N ASP B 205 -25.55 20.37 13.79
CA ASP B 205 -25.68 21.71 14.35
C ASP B 205 -24.40 22.50 14.05
N MET B 206 -23.30 21.78 13.98
CA MET B 206 -22.05 22.39 13.62
C MET B 206 -22.15 22.94 12.20
N GLU B 207 -22.63 22.11 11.28
CA GLU B 207 -22.78 22.56 9.89
C GLU B 207 -23.77 23.73 9.77
N LYS B 208 -24.86 23.71 10.53
CA LYS B 208 -25.80 24.83 10.52
C LYS B 208 -25.12 26.11 10.99
N ASP B 209 -24.35 26.01 12.08
CA ASP B 209 -23.66 27.14 12.65
C ASP B 209 -22.58 27.64 11.69
N PHE B 210 -21.88 26.71 11.05
CA PHE B 210 -20.84 27.08 10.12
C PHE B 210 -21.42 27.94 9.00
N LEU B 211 -22.57 27.55 8.45
CA LEU B 211 -23.17 28.27 7.30
C LEU B 211 -23.73 29.64 7.65
N SER B 212 -23.93 29.91 8.95
CA SER B 212 -24.52 31.18 9.37
C SER B 212 -23.62 32.07 10.23
N PHE B 213 -22.66 31.52 10.99
CA PHE B 213 -21.87 32.37 11.93
C PHE B 213 -20.72 33.13 11.26
N ASP B 214 -20.41 34.31 11.81
CA ASP B 214 -19.11 34.96 11.65
C ASP B 214 -18.04 33.94 11.96
N SER B 215 -16.94 34.03 11.24
CA SER B 215 -15.90 33.03 11.33
C SER B 215 -15.24 33.03 12.68
N ASP B 216 -14.96 34.21 13.22
CA ASP B 216 -14.34 34.29 14.54
C ASP B 216 -15.22 33.69 15.65
N VAL B 217 -16.53 33.89 15.58
CA VAL B 217 -17.46 33.30 16.56
C VAL B 217 -17.50 31.77 16.46
N PHE B 218 -17.63 31.24 15.25
CA PHE B 218 -17.67 29.79 15.06
C PHE B 218 -16.41 29.12 15.64
N ILE B 219 -15.22 29.63 15.27
CA ILE B 219 -13.97 29.06 15.70
C ILE B 219 -13.93 29.07 17.22
N LYS B 220 -14.15 30.23 17.81
CA LYS B 220 -14.20 30.31 19.28
C LYS B 220 -15.21 29.34 19.93
N LYS B 221 -16.40 29.20 19.36
CA LYS B 221 -17.37 28.28 19.93
C LYS B 221 -16.92 26.83 19.96
N TYR B 222 -16.15 26.40 18.97
CA TYR B 222 -15.78 24.99 18.87
C TYR B 222 -14.30 24.72 19.17
N GLY B 223 -13.62 25.68 19.81
CA GLY B 223 -12.19 25.54 20.18
C GLY B 223 -11.30 25.14 19.02
N LEU B 224 -11.43 25.84 17.89
CA LEU B 224 -10.66 25.55 16.66
C LEU B 224 -9.51 26.52 16.42
N GLU B 225 -9.17 27.34 17.40
CA GLU B 225 -8.06 28.29 17.31
C GLU B 225 -6.79 27.71 16.68
N ASN B 226 -6.45 26.50 17.09
CA ASN B 226 -5.18 25.88 16.68
C ASN B 226 -5.26 25.05 15.39
N TYR B 227 -6.43 25.04 14.77
CA TYR B 227 -6.67 24.17 13.62
C TYR B 227 -6.78 24.88 12.24
N ALA B 228 -6.38 26.14 12.19
CA ALA B 228 -6.26 26.88 10.94
C ALA B 228 -7.52 26.84 10.09
N PHE B 229 -8.69 26.97 10.71
CA PHE B 229 -9.95 26.92 9.98
C PHE B 229 -10.10 28.03 8.98
N GLU B 230 -9.43 29.15 9.23
CA GLU B 230 -9.61 30.27 8.33
C GLU B 230 -8.95 29.96 7.02
N HIS B 231 -7.70 29.47 7.06
CA HIS B 231 -7.02 28.99 5.84
C HIS B 231 -7.73 27.77 5.23
N VAL B 232 -7.89 26.71 6.03
CA VAL B 232 -8.25 25.39 5.54
C VAL B 232 -9.73 25.24 5.14
N VAL B 233 -10.64 25.73 5.95
CA VAL B 233 -12.07 25.52 5.71
C VAL B 233 -12.78 26.76 5.10
N TYR B 234 -12.58 27.91 5.74
CA TYR B 234 -13.20 29.14 5.24
C TYR B 234 -12.53 29.58 3.96
N GLY B 235 -11.21 29.36 3.90
CA GLY B 235 -10.43 29.77 2.74
C GLY B 235 -9.98 31.22 2.79
N ASP B 236 -8.87 31.46 2.10
CA ASP B 236 -8.15 32.72 2.13
C ASP B 236 -8.04 33.26 0.71
N PHE B 237 -8.52 34.48 0.52
CA PHE B 237 -8.65 35.09 -0.82
C PHE B 237 -7.89 36.39 -1.02
N SER B 238 -6.95 36.68 -0.15
CA SER B 238 -6.27 37.98 -0.19
C SER B 238 -4.96 37.90 -0.97
N HIS B 239 -4.64 36.72 -1.48
CA HIS B 239 -3.35 36.46 -2.08
C HIS B 239 -3.50 35.99 -3.49
N THR B 240 -2.41 36.08 -4.21
CA THR B 240 -2.40 35.82 -5.62
C THR B 240 -2.80 34.36 -5.85
N THR B 241 -2.28 33.47 -5.03
CA THR B 241 -2.77 32.12 -5.04
C THR B 241 -3.81 31.97 -3.97
N LEU B 242 -4.92 31.37 -4.35
CA LEU B 242 -6.08 31.23 -3.49
C LEU B 242 -5.78 30.14 -2.45
N GLY B 243 -6.00 30.45 -1.17
CA GLY B 243 -5.47 29.67 -0.06
C GLY B 243 -6.45 28.71 0.59
N GLY B 244 -5.99 27.46 0.78
CA GLY B 244 -6.81 26.45 1.43
C GLY B 244 -8.07 26.11 0.65
N LEU B 245 -9.17 26.07 1.40
CA LEU B 245 -10.52 25.80 0.89
C LEU B 245 -10.67 24.37 0.39
N HIS B 246 -10.46 23.40 1.29
CA HIS B 246 -10.44 22.00 0.91
C HIS B 246 -11.63 21.19 1.39
N LEU B 247 -12.55 21.84 2.08
CA LEU B 247 -13.75 21.17 2.58
C LEU B 247 -14.93 21.79 1.87
N LEU B 248 -15.82 20.94 1.40
CA LEU B 248 -16.88 21.37 0.51
C LEU B 248 -17.74 22.41 1.18
N ILE B 249 -18.10 22.16 2.44
CA ILE B 249 -19.06 23.05 3.09
C ILE B 249 -18.51 24.48 3.06
N GLY B 250 -17.19 24.61 3.09
CA GLY B 250 -16.55 25.91 3.01
C GLY B 250 -16.66 26.46 1.60
N LEU B 251 -16.36 25.63 0.61
CA LEU B 251 -16.58 26.04 -0.77
C LEU B 251 -18.05 26.43 -1.00
N TYR B 252 -18.99 25.63 -0.51
CA TYR B 252 -20.43 25.98 -0.63
C TYR B 252 -20.76 27.34 -0.03
N LYS B 253 -20.46 27.52 1.25
CA LYS B 253 -20.70 28.79 1.93
C LYS B 253 -20.11 29.98 1.20
N ARG B 254 -18.98 29.77 0.56
CA ARG B 254 -18.29 30.84 -0.14
C ARG B 254 -18.92 31.22 -1.45
N GLN B 255 -19.18 30.22 -2.30
CA GLN B 255 -19.77 30.46 -3.60
C GLN B 255 -21.15 31.13 -3.44
N GLN B 256 -21.91 30.72 -2.41
CA GLN B 256 -23.25 31.26 -2.18
C GLN B 256 -23.25 32.77 -2.01
N GLU B 257 -22.09 33.36 -1.76
CA GLU B 257 -21.97 34.82 -1.72
C GLU B 257 -21.82 35.48 -3.10
N GLY B 258 -21.73 34.68 -4.16
CA GLY B 258 -21.88 35.14 -5.52
C GLY B 258 -20.62 35.49 -6.27
N HIS B 259 -19.46 35.40 -5.64
CA HIS B 259 -18.21 35.83 -6.27
C HIS B 259 -17.21 34.69 -6.51
N ILE B 260 -17.67 33.57 -7.02
CA ILE B 260 -16.77 32.49 -7.33
C ILE B 260 -17.10 31.76 -8.60
N ILE B 261 -16.05 31.54 -9.42
CA ILE B 261 -16.12 30.76 -10.65
C ILE B 261 -15.26 29.52 -10.46
N MET B 262 -15.72 28.37 -10.93
CA MET B 262 -14.98 27.11 -10.84
C MET B 262 -15.10 26.35 -12.14
N GLU B 263 -14.04 25.67 -12.57
CA GLU B 263 -14.15 24.67 -13.65
C GLU B 263 -13.79 23.34 -13.03
N GLU B 264 -14.28 22.22 -13.56
CA GLU B 264 -13.82 20.91 -13.12
C GLU B 264 -13.47 20.14 -14.37
N MET B 265 -12.20 19.77 -14.47
CA MET B 265 -11.66 19.23 -15.70
C MET B 265 -12.16 17.81 -15.88
N LEU B 266 -12.13 17.06 -14.79
CA LEU B 266 -12.50 15.64 -14.75
C LEU B 266 -13.76 15.40 -13.91
N LYS B 267 -14.92 15.60 -14.54
CA LYS B 267 -16.22 15.50 -13.87
C LYS B 267 -16.66 14.08 -13.49
N GLY B 268 -17.45 13.98 -12.42
CA GLY B 268 -18.10 12.72 -12.02
C GLY B 268 -17.87 12.37 -10.57
N SER B 269 -18.81 11.61 -10.00
CA SER B 269 -18.74 11.15 -8.62
C SER B 269 -17.37 10.65 -8.22
N SER B 270 -16.88 11.14 -7.10
CA SER B 270 -15.52 10.91 -6.67
C SER B 270 -15.32 11.36 -5.25
N THR B 271 -14.38 10.71 -4.59
CA THR B 271 -14.12 10.97 -3.19
C THR B 271 -13.47 12.32 -3.05
N ILE B 272 -12.57 12.61 -3.99
CA ILE B 272 -11.95 13.94 -4.06
C ILE B 272 -12.29 14.56 -5.41
N HIS B 273 -12.75 15.80 -5.39
CA HIS B 273 -12.86 16.63 -6.60
C HIS B 273 -11.76 17.71 -6.62
N ASN B 274 -11.33 18.05 -7.83
CA ASN B 274 -10.38 19.13 -8.02
C ASN B 274 -11.04 20.22 -8.85
N TYR B 275 -10.85 21.48 -8.44
CA TYR B 275 -11.46 22.59 -9.12
C TYR B 275 -10.41 23.58 -9.51
N PHE B 276 -10.70 24.32 -10.56
CA PHE B 276 -9.91 25.41 -11.06
C PHE B 276 -10.70 26.64 -10.64
N ILE B 277 -10.30 27.29 -9.54
CA ILE B 277 -11.14 28.33 -8.90
C ILE B 277 -10.58 29.76 -8.94
N THR B 278 -11.51 30.68 -9.20
CA THR B 278 -11.21 32.08 -9.20
C THR B 278 -12.24 32.81 -8.33
N GLU B 279 -11.73 33.62 -7.41
CA GLU B 279 -12.55 34.56 -6.62
C GLU B 279 -12.57 35.86 -7.40
N THR B 280 -13.76 36.33 -7.72
CA THR B 280 -13.93 37.43 -8.67
C THR B 280 -13.85 38.84 -8.06
N ASN B 281 -13.50 38.99 -6.79
CA ASN B 281 -13.18 40.33 -6.27
C ASN B 281 -11.68 40.51 -6.15
N THR B 282 -10.99 39.50 -5.63
CA THR B 282 -9.57 39.63 -5.37
C THR B 282 -8.74 39.09 -6.51
N ALA B 283 -9.40 38.43 -7.45
CA ALA B 283 -8.74 37.66 -8.46
C ALA B 283 -7.86 36.55 -7.89
N ALA B 284 -8.08 36.15 -6.63
CA ALA B 284 -7.33 35.03 -6.06
C ALA B 284 -7.74 33.80 -6.84
N PHE B 285 -6.76 32.95 -7.12
CA PHE B 285 -6.93 31.80 -8.00
C PHE B 285 -6.02 30.60 -7.67
N LYS B 286 -6.55 29.40 -7.87
CA LYS B 286 -5.75 28.17 -7.73
C LYS B 286 -6.16 27.18 -8.83
N ALA B 287 -5.15 26.54 -9.44
CA ALA B 287 -5.39 25.72 -10.63
C ALA B 287 -5.95 24.36 -10.25
N VAL B 288 -5.52 23.87 -9.10
CA VAL B 288 -5.98 22.59 -8.53
C VAL B 288 -6.30 22.85 -7.06
N CYS B 289 -7.56 23.11 -6.76
CA CYS B 289 -8.01 23.18 -5.38
C CYS B 289 -8.73 21.86 -5.10
N SER B 290 -8.10 21.01 -4.32
CA SER B 290 -8.67 19.69 -4.05
C SER B 290 -9.68 19.78 -2.90
N VAL B 291 -10.89 19.30 -3.11
CA VAL B 291 -11.93 19.45 -2.13
C VAL B 291 -12.53 18.11 -1.76
N ILE B 292 -12.99 18.00 -0.52
CA ILE B 292 -13.59 16.76 -0.03
C ILE B 292 -14.88 17.12 0.72
N ASP B 293 -15.92 16.31 0.52
CA ASP B 293 -17.18 16.58 1.18
C ASP B 293 -17.38 15.76 2.44
N LEU B 294 -16.54 15.98 3.45
CA LEU B 294 -16.81 15.34 4.73
C LEU B 294 -17.79 16.17 5.56
N LYS B 295 -18.64 15.46 6.28
CA LYS B 295 -19.41 16.05 7.31
C LYS B 295 -18.42 16.81 8.19
N LEU B 296 -18.76 18.03 8.50
CA LEU B 296 -17.83 18.91 9.15
C LEU B 296 -17.44 18.39 10.51
N ASP B 297 -18.38 17.80 11.24
CA ASP B 297 -18.00 17.25 12.58
C ASP B 297 -16.97 16.15 12.36
N ASP B 298 -17.16 15.36 11.31
CA ASP B 298 -16.20 14.35 10.89
C ASP B 298 -14.84 14.91 10.52
N PHE B 299 -14.82 16.00 9.76
CA PHE B 299 -13.54 16.60 9.35
C PHE B 299 -12.77 17.06 10.55
N VAL B 300 -13.50 17.65 11.50
CA VAL B 300 -12.94 18.23 12.72
C VAL B 300 -12.31 17.16 13.60
N MET B 301 -13.03 16.04 13.72
CA MET B 301 -12.57 14.83 14.42
C MET B 301 -11.19 14.46 13.93
N ILE B 302 -11.04 14.37 12.62
CA ILE B 302 -9.79 13.96 12.02
C ILE B 302 -8.63 14.88 12.40
N LEU B 303 -8.91 16.20 12.43
CA LEU B 303 -7.87 17.19 12.73
C LEU B 303 -7.42 17.09 14.14
N LYS B 304 -8.39 16.95 15.04
CA LYS B 304 -8.15 16.86 16.48
C LYS B 304 -7.49 15.55 16.90
N SER B 305 -7.37 14.62 15.96
CA SER B 305 -6.59 13.42 16.18
C SER B 305 -5.15 13.64 15.83
N GLN B 306 -4.80 14.79 15.29
CA GLN B 306 -3.44 14.95 14.81
C GLN B 306 -2.48 15.45 15.85
N ASP B 307 -1.28 14.88 15.79
CA ASP B 307 -0.16 15.35 16.59
C ASP B 307 0.31 16.65 15.95
N LEU B 308 0.09 17.75 16.64
CA LEU B 308 0.43 19.07 16.16
C LEU B 308 1.88 19.41 16.43
N GLY B 309 2.62 18.48 17.05
CA GLY B 309 4.02 18.71 17.41
C GLY B 309 5.02 18.34 16.30
N VAL B 310 4.53 18.09 15.09
CA VAL B 310 5.33 17.51 14.01
C VAL B 310 5.14 18.39 12.77
N VAL B 311 6.23 18.65 12.05
CA VAL B 311 6.20 19.68 11.02
C VAL B 311 5.40 19.28 9.80
N SER B 312 5.52 18.02 9.42
CA SER B 312 4.98 17.54 8.17
C SER B 312 4.68 16.07 8.36
N LYS B 313 3.45 15.66 8.00
CA LYS B 313 3.03 14.26 8.08
C LYS B 313 1.98 13.86 7.04
N VAL B 314 2.14 12.66 6.49
CA VAL B 314 1.14 12.06 5.63
C VAL B 314 0.09 11.35 6.50
N VAL B 315 -1.10 11.93 6.54
CA VAL B 315 -2.18 11.42 7.37
C VAL B 315 -2.96 10.52 6.46
N LYS B 316 -3.42 9.41 7.01
CA LYS B 316 -4.01 8.34 6.23
C LYS B 316 -5.35 7.96 6.84
N VAL B 317 -6.45 8.34 6.17
CA VAL B 317 -7.81 8.14 6.72
C VAL B 317 -8.69 7.25 5.84
N PRO B 318 -9.36 6.24 6.47
CA PRO B 318 -10.25 5.38 5.71
C PRO B 318 -11.50 6.14 5.38
N ILE B 319 -11.76 6.27 4.08
CA ILE B 319 -12.92 7.00 3.58
C ILE B 319 -13.46 6.31 2.35
N ASP B 320 -14.79 6.34 2.22
CA ASP B 320 -15.47 5.83 1.03
C ASP B 320 -14.83 4.53 0.58
N LEU B 321 -14.56 3.65 1.54
CA LEU B 321 -14.04 2.30 1.30
C LEU B 321 -12.65 2.22 0.65
N THR B 322 -11.82 3.27 0.78
CA THR B 322 -10.38 3.26 0.44
C THR B 322 -9.62 3.93 1.56
N MET B 323 -8.37 4.26 1.27
CA MET B 323 -7.58 5.15 2.12
C MET B 323 -7.27 6.43 1.37
N ILE B 324 -7.53 7.55 2.02
CA ILE B 324 -7.30 8.83 1.42
C ILE B 324 -6.17 9.42 2.21
N GLU B 325 -5.26 10.08 1.49
CA GLU B 325 -4.10 10.67 2.11
C GLU B 325 -4.29 12.16 2.12
N PHE B 326 -3.96 12.76 3.27
CA PHE B 326 -3.92 14.21 3.41
C PHE B 326 -2.50 14.59 3.77
N MET B 327 -2.05 15.74 3.31
CA MET B 327 -0.86 16.36 3.87
C MET B 327 -1.30 17.20 5.07
N LEU B 328 -0.51 17.15 6.14
CA LEU B 328 -0.71 18.00 7.32
C LEU B 328 0.61 18.69 7.63
N TRP B 329 0.56 20.03 7.70
CA TRP B 329 1.72 20.83 8.05
C TRP B 329 1.42 21.57 9.33
N CYS B 330 2.40 21.60 10.24
CA CYS B 330 2.27 22.29 11.51
C CYS B 330 3.49 23.13 11.88
N LYS B 331 3.26 24.18 12.67
CA LYS B 331 4.31 25.03 13.22
C LYS B 331 3.87 25.66 14.55
N ASP B 332 4.80 25.73 15.50
CA ASP B 332 4.58 26.34 16.82
C ASP B 332 3.29 25.81 17.45
N GLY B 333 3.06 24.50 17.33
CA GLY B 333 1.88 23.87 17.93
C GLY B 333 0.56 24.21 17.25
N GLN B 334 0.63 24.59 15.98
CA GLN B 334 -0.59 24.88 15.23
C GLN B 334 -0.56 24.25 13.85
N VAL B 335 -1.74 23.98 13.32
CA VAL B 335 -1.88 23.57 11.94
C VAL B 335 -1.59 24.82 11.09
N GLN B 336 -0.68 24.70 10.13
CA GLN B 336 -0.56 25.72 9.07
C GLN B 336 -1.57 25.39 7.97
N THR B 337 -1.49 24.15 7.44
CA THR B 337 -2.51 23.65 6.54
C THR B 337 -2.72 22.14 6.54
N PHE B 338 -3.86 21.76 5.96
CA PHE B 338 -4.28 20.37 5.85
C PHE B 338 -4.96 20.21 4.50
N TYR B 339 -4.42 19.36 3.61
CA TYR B 339 -5.04 19.15 2.27
C TYR B 339 -4.84 17.73 1.71
N PRO B 340 -5.73 17.28 0.81
CA PRO B 340 -5.54 16.03 0.03
C PRO B 340 -4.37 16.08 -0.94
N ARG B 341 -3.62 14.97 -1.11
CA ARG B 341 -2.54 14.94 -2.13
C ARG B 341 -3.10 14.49 -3.46
#